data_4WNN
#
_entry.id   4WNN
#
_cell.length_a   109.667
_cell.length_b   109.667
_cell.length_c   187.470
_cell.angle_alpha   90.00
_cell.angle_beta   90.00
_cell.angle_gamma   120.00
#
_symmetry.space_group_name_H-M   'H 3'
#
loop_
_entity.id
_entity.type
_entity.pdbx_description
1 polymer 'Histone H2A.1'
2 polymer 'Histone H2B.1'
3 polymer SPT16
4 non-polymer 'PHOSPHATE ION'
5 water water
#
loop_
_entity_poly.entity_id
_entity_poly.type
_entity_poly.pdbx_seq_one_letter_code
_entity_poly.pdbx_strand_id
1 'polypeptide(L)'
;MSGGKGGKAGSAAKASQSRSAKAGLTFPVGRVHRLLRRGNYAQRIGSGAPVYLTAVLEYLAAEILELAGNAARDNKKTRI
IPRHLQLAIRNDDELNKLLGNVTIAQGGVLPNIHQNLLPKKSAKATKASQEL
;
A,C,E,G
2 'polypeptide(L)'
;MKKRSKARKETYSSYIYKVLKQTHPDTGISQKSMSILNSFVNDIFERIATEASKLAAYNKKSTISAREIQTAVRLILPGE
LAKHAVSEGTRAVTKYSSSTQA
;
B,D,F,H
3 'polypeptide(L)' GIKKTDDEASDESEEEVSEY T
#
loop_
_chem_comp.id
_chem_comp.type
_chem_comp.name
_chem_comp.formula
PO4 non-polymer 'PHOSPHATE ION' 'O4 P -3'
#
# COMPACT_ATOMS: atom_id res chain seq x y z
N GLN A 17 -31.66 6.35 -11.62
CA GLN A 17 -30.97 5.06 -11.72
C GLN A 17 -29.51 5.17 -11.26
N SER A 18 -29.18 4.39 -10.24
CA SER A 18 -27.83 4.37 -9.70
C SER A 18 -26.85 3.71 -10.65
N ARG A 19 -25.56 3.98 -10.47
CA ARG A 19 -24.54 3.33 -11.29
C ARG A 19 -24.55 1.82 -11.09
N SER A 20 -24.82 1.38 -9.86
CA SER A 20 -24.91 -0.06 -9.59
C SER A 20 -26.00 -0.68 -10.47
N ALA A 21 -27.17 -0.05 -10.49
CA ALA A 21 -28.27 -0.56 -11.31
C ALA A 21 -27.91 -0.55 -12.78
N LYS A 22 -27.23 0.52 -13.21
CA LYS A 22 -26.73 0.62 -14.58
C LYS A 22 -25.82 -0.55 -14.95
N ALA A 23 -25.05 -1.04 -13.98
CA ALA A 23 -24.08 -2.10 -14.25
C ALA A 23 -24.62 -3.49 -13.92
N GLY A 24 -25.84 -3.56 -13.40
CA GLY A 24 -26.44 -4.81 -13.01
C GLY A 24 -25.88 -5.36 -11.70
N LEU A 25 -25.45 -4.47 -10.81
CA LEU A 25 -24.80 -4.86 -9.57
C LEU A 25 -25.64 -4.58 -8.34
N THR A 26 -25.41 -5.37 -7.29
CA THR A 26 -26.04 -5.13 -6.00
C THR A 26 -25.10 -4.33 -5.11
N PHE A 27 -23.81 -4.61 -5.20
CA PHE A 27 -22.81 -3.85 -4.44
C PHE A 27 -22.75 -2.39 -4.92
N PRO A 28 -22.29 -1.47 -4.07
CA PRO A 28 -22.43 -0.03 -4.37
C PRO A 28 -21.29 0.58 -5.18
N VAL A 29 -21.55 0.90 -6.44
CA VAL A 29 -20.51 1.45 -7.30
C VAL A 29 -20.04 2.81 -6.81
N GLY A 30 -20.99 3.65 -6.40
CA GLY A 30 -20.68 4.99 -5.95
C GLY A 30 -19.79 4.98 -4.71
N ARG A 31 -20.15 4.14 -3.74
CA ARG A 31 -19.36 4.02 -2.54
C ARG A 31 -17.95 3.53 -2.85
N VAL A 32 -17.84 2.56 -3.74
CA VAL A 32 -16.52 2.01 -4.10
C VAL A 32 -15.72 3.09 -4.84
N HIS A 33 -16.38 3.87 -5.69
CA HIS A 33 -15.69 4.96 -6.37
C HIS A 33 -15.13 5.96 -5.34
N ARG A 34 -15.94 6.31 -4.35
CA ARG A 34 -15.47 7.28 -3.37
C ARG A 34 -14.32 6.71 -2.53
N LEU A 35 -14.38 5.42 -2.20
CA LEU A 35 -13.27 4.76 -1.50
C LEU A 35 -11.99 4.79 -2.33
N LEU A 36 -12.12 4.55 -3.63
CA LEU A 36 -10.97 4.65 -4.52
C LEU A 36 -10.38 6.06 -4.58
N ARG A 37 -11.25 7.06 -4.76
CA ARG A 37 -10.79 8.43 -4.87
C ARG A 37 -10.14 8.85 -3.56
N ARG A 38 -10.79 8.48 -2.46
CA ARG A 38 -10.35 8.96 -1.15
C ARG A 38 -9.07 8.28 -0.68
N GLY A 39 -8.79 7.08 -1.20
CA GLY A 39 -7.56 6.37 -0.85
C GLY A 39 -6.32 6.87 -1.55
N ASN A 40 -6.49 7.75 -2.54
CA ASN A 40 -5.39 8.35 -3.26
C ASN A 40 -4.43 7.29 -3.83
N TYR A 41 -5.04 6.30 -4.46
CA TYR A 41 -4.29 5.24 -5.16
C TYR A 41 -3.68 5.73 -6.46
N ALA A 42 -4.24 6.80 -7.02
CA ALA A 42 -3.68 7.43 -8.20
C ALA A 42 -4.18 8.85 -8.29
N GLN A 43 -3.68 9.61 -9.26
CA GLN A 43 -4.19 10.97 -9.40
C GLN A 43 -5.64 10.98 -9.86
N ARG A 44 -5.99 10.02 -10.71
CA ARG A 44 -7.35 9.97 -11.23
C ARG A 44 -7.88 8.55 -11.22
N ILE A 45 -9.19 8.43 -11.10
CA ILE A 45 -9.87 7.13 -11.18
C ILE A 45 -10.80 7.14 -12.39
N GLY A 46 -10.58 6.23 -13.35
CA GLY A 46 -11.41 6.18 -14.54
C GLY A 46 -12.81 5.72 -14.21
N SER A 47 -13.82 6.11 -14.99
CA SER A 47 -15.21 5.80 -14.61
C SER A 47 -15.53 4.30 -14.60
N GLY A 48 -14.81 3.52 -15.40
CA GLY A 48 -14.99 2.08 -15.45
C GLY A 48 -14.41 1.34 -14.25
N ALA A 49 -13.41 1.95 -13.60
CA ALA A 49 -12.67 1.24 -12.54
C ALA A 49 -13.54 0.86 -11.34
N PRO A 50 -14.38 1.79 -10.83
CA PRO A 50 -15.20 1.35 -9.69
C PRO A 50 -16.27 0.35 -10.10
N VAL A 51 -16.75 0.42 -11.34
CA VAL A 51 -17.73 -0.55 -11.81
C VAL A 51 -17.12 -1.95 -11.83
N TYR A 52 -15.95 -2.08 -12.45
CA TYR A 52 -15.24 -3.33 -12.49
C TYR A 52 -14.94 -3.88 -11.08
N LEU A 53 -14.37 -3.03 -10.23
CA LEU A 53 -13.97 -3.46 -8.89
C LEU A 53 -15.18 -3.87 -8.09
N THR A 54 -16.27 -3.11 -8.22
CA THR A 54 -17.48 -3.44 -7.48
C THR A 54 -18.00 -4.81 -7.86
N ALA A 55 -17.96 -5.11 -9.15
CA ALA A 55 -18.42 -6.39 -9.65
C ALA A 55 -17.55 -7.51 -9.09
N VAL A 56 -16.24 -7.27 -9.00
CA VAL A 56 -15.33 -8.28 -8.47
C VAL A 56 -15.62 -8.54 -6.99
N LEU A 57 -15.85 -7.49 -6.23
CA LEU A 57 -16.08 -7.65 -4.79
C LEU A 57 -17.41 -8.37 -4.58
N GLU A 58 -18.40 -8.03 -5.40
CA GLU A 58 -19.70 -8.65 -5.26
C GLU A 58 -19.57 -10.15 -5.57
N TYR A 59 -18.76 -10.45 -6.58
CA TYR A 59 -18.56 -11.84 -6.98
C TYR A 59 -17.91 -12.65 -5.85
N LEU A 60 -16.87 -12.10 -5.24
CA LEU A 60 -16.17 -12.79 -4.15
C LEU A 60 -17.09 -12.96 -2.95
N ALA A 61 -17.81 -11.91 -2.60
CA ALA A 61 -18.82 -12.03 -1.53
C ALA A 61 -19.81 -13.13 -1.84
N ALA A 62 -20.32 -13.16 -3.07
CA ALA A 62 -21.29 -14.17 -3.49
C ALA A 62 -20.72 -15.58 -3.38
N GLU A 63 -19.47 -15.77 -3.79
CA GLU A 63 -18.79 -17.08 -3.68
C GLU A 63 -18.70 -17.53 -2.23
N ILE A 64 -18.21 -16.64 -1.37
CA ILE A 64 -18.09 -16.96 0.04
C ILE A 64 -19.46 -17.27 0.66
N LEU A 65 -20.48 -16.48 0.33
CA LEU A 65 -21.83 -16.70 0.86
C LEU A 65 -22.41 -18.02 0.40
N GLU A 66 -22.11 -18.39 -0.83
CA GLU A 66 -22.60 -19.64 -1.40
C GLU A 66 -22.05 -20.82 -0.61
N LEU A 67 -20.73 -20.82 -0.41
CA LEU A 67 -20.04 -21.92 0.26
C LEU A 67 -20.31 -21.97 1.77
N ALA A 68 -20.29 -20.80 2.42
CA ALA A 68 -20.70 -20.74 3.83
C ALA A 68 -22.17 -21.17 4.01
N GLY A 69 -23.01 -20.76 3.08
CA GLY A 69 -24.43 -21.14 3.13
C GLY A 69 -24.59 -22.63 2.96
N ASN A 70 -23.79 -23.21 2.06
CA ASN A 70 -23.75 -24.66 1.90
C ASN A 70 -23.38 -25.35 3.19
N ALA A 71 -22.32 -24.85 3.82
CA ALA A 71 -21.84 -25.40 5.08
C ALA A 71 -22.94 -25.32 6.16
N ALA A 72 -23.66 -24.21 6.20
CA ALA A 72 -24.75 -24.06 7.14
C ALA A 72 -25.85 -25.07 6.85
N ARG A 73 -26.29 -25.11 5.60
CA ARG A 73 -27.35 -26.02 5.19
C ARG A 73 -26.94 -27.48 5.36
N ASP A 74 -25.66 -27.78 5.16
CA ASP A 74 -25.14 -29.12 5.41
C ASP A 74 -25.21 -29.46 6.89
N ASN A 75 -25.20 -28.42 7.72
CA ASN A 75 -25.21 -28.58 9.17
C ASN A 75 -26.65 -28.49 9.70
N LYS A 76 -27.62 -28.57 8.79
CA LYS A 76 -29.03 -28.44 9.12
C LYS A 76 -29.36 -27.12 9.83
N LYS A 77 -28.64 -26.05 9.49
CA LYS A 77 -28.87 -24.74 10.08
C LYS A 77 -29.43 -23.76 9.04
N THR A 78 -30.06 -22.70 9.51
CA THR A 78 -30.62 -21.71 8.60
C THR A 78 -29.96 -20.35 8.77
N ARG A 79 -28.95 -20.28 9.63
CA ARG A 79 -28.22 -19.04 9.87
C ARG A 79 -26.71 -19.31 9.86
N ILE A 80 -26.01 -18.60 8.99
CA ILE A 80 -24.57 -18.72 8.90
C ILE A 80 -23.91 -18.16 10.16
N ILE A 81 -23.15 -19.02 10.83
CA ILE A 81 -22.36 -18.62 11.99
C ILE A 81 -20.88 -18.73 11.61
N PRO A 82 -19.99 -18.12 12.41
CA PRO A 82 -18.58 -18.04 11.96
C PRO A 82 -17.93 -19.39 11.65
N ARG A 83 -18.34 -20.48 12.30
CA ARG A 83 -17.74 -21.77 11.98
C ARG A 83 -18.08 -22.24 10.57
N HIS A 84 -19.25 -21.83 10.07
CA HIS A 84 -19.65 -22.15 8.69
C HIS A 84 -18.74 -21.41 7.70
N LEU A 85 -18.47 -20.13 7.98
CA LEU A 85 -17.53 -19.33 7.20
C LEU A 85 -16.13 -19.95 7.20
N GLN A 86 -15.66 -20.27 8.40
CA GLN A 86 -14.31 -20.80 8.59
C GLN A 86 -14.12 -22.07 7.79
N LEU A 87 -15.12 -22.93 7.86
CA LEU A 87 -15.08 -24.22 7.19
C LEU A 87 -15.19 -24.06 5.67
N ALA A 88 -16.08 -23.18 5.22
CA ALA A 88 -16.25 -22.90 3.78
C ALA A 88 -14.94 -22.46 3.14
N ILE A 89 -14.26 -21.56 3.83
CA ILE A 89 -13.02 -21.00 3.31
C ILE A 89 -11.90 -22.02 3.37
N ARG A 90 -11.81 -22.76 4.48
CA ARG A 90 -10.78 -23.78 4.65
C ARG A 90 -10.89 -24.87 3.60
N ASN A 91 -12.13 -25.27 3.31
CA ASN A 91 -12.40 -26.36 2.39
C ASN A 91 -12.39 -25.99 0.91
N ASP A 92 -12.21 -24.71 0.60
CA ASP A 92 -12.05 -24.28 -0.77
C ASP A 92 -10.62 -23.84 -1.00
N ASP A 93 -9.88 -24.59 -1.80
CA ASP A 93 -8.45 -24.32 -1.99
C ASP A 93 -8.16 -22.87 -2.34
N GLU A 94 -8.90 -22.33 -3.30
CA GLU A 94 -8.62 -20.98 -3.80
C GLU A 94 -9.00 -19.91 -2.78
N LEU A 95 -10.15 -20.05 -2.12
CA LEU A 95 -10.51 -19.07 -1.10
C LEU A 95 -9.57 -19.18 0.09
N ASN A 96 -9.14 -20.39 0.42
CA ASN A 96 -8.19 -20.57 1.51
C ASN A 96 -6.86 -19.88 1.20
N LYS A 97 -6.41 -20.00 -0.04
CA LYS A 97 -5.19 -19.33 -0.49
C LYS A 97 -5.40 -17.81 -0.44
N LEU A 98 -6.57 -17.37 -0.85
CA LEU A 98 -6.82 -15.92 -0.90
C LEU A 98 -6.95 -15.30 0.50
N LEU A 99 -7.68 -15.98 1.38
CA LEU A 99 -8.11 -15.34 2.63
C LEU A 99 -7.46 -15.90 3.89
N GLY A 100 -6.44 -16.74 3.73
CA GLY A 100 -5.76 -17.34 4.87
C GLY A 100 -6.77 -18.17 5.64
N ASN A 101 -6.81 -18.00 6.96
CA ASN A 101 -7.80 -18.70 7.75
C ASN A 101 -8.55 -17.82 8.74
N VAL A 102 -9.83 -18.13 8.92
CA VAL A 102 -10.70 -17.40 9.83
C VAL A 102 -10.91 -18.19 11.12
N MET B 1 -23.28 14.82 13.29
CA MET B 1 -22.06 14.25 12.74
C MET B 1 -21.65 12.97 13.46
N LYS B 2 -20.91 12.11 12.75
CA LYS B 2 -20.43 10.86 13.31
C LYS B 2 -19.32 11.11 14.33
N LYS B 3 -19.60 10.80 15.58
CA LYS B 3 -18.61 10.96 16.65
C LYS B 3 -17.92 9.64 16.94
N ARG B 4 -16.78 9.71 17.62
CA ARG B 4 -15.96 8.53 17.87
C ARG B 4 -16.68 7.46 18.69
N SER B 5 -17.60 7.90 19.56
CA SER B 5 -18.32 6.97 20.43
C SER B 5 -19.31 6.08 19.67
N LYS B 6 -19.65 6.46 18.44
CA LYS B 6 -20.61 5.70 17.64
C LYS B 6 -19.92 4.59 16.86
N ALA B 7 -20.54 3.40 16.88
CA ALA B 7 -20.03 2.24 16.19
C ALA B 7 -19.86 2.51 14.70
N ARG B 8 -18.75 2.05 14.14
CA ARG B 8 -18.48 2.26 12.72
C ARG B 8 -19.46 1.44 11.87
N LYS B 9 -19.98 2.07 10.83
CA LYS B 9 -20.86 1.38 9.91
C LYS B 9 -20.02 0.41 9.09
N GLU B 10 -20.55 -0.78 8.82
CA GLU B 10 -19.80 -1.73 8.00
C GLU B 10 -20.12 -1.46 6.55
N THR B 11 -19.10 -1.11 5.78
CA THR B 11 -19.27 -0.65 4.40
C THR B 11 -20.17 -1.52 3.51
N TYR B 12 -19.97 -2.83 3.56
CA TYR B 12 -20.63 -3.70 2.59
C TYR B 12 -21.80 -4.50 3.14
N SER B 13 -22.01 -4.41 4.44
CA SER B 13 -22.90 -5.37 5.08
C SER B 13 -24.33 -5.42 4.53
N SER B 14 -24.96 -4.28 4.28
CA SER B 14 -26.33 -4.30 3.78
C SER B 14 -26.41 -4.94 2.39
N TYR B 15 -25.35 -4.78 1.61
CA TYR B 15 -25.28 -5.36 0.27
C TYR B 15 -25.00 -6.85 0.33
N ILE B 16 -24.16 -7.24 1.29
CA ILE B 16 -23.90 -8.66 1.51
C ILE B 16 -25.22 -9.36 1.88
N TYR B 17 -26.02 -8.73 2.73
N TYR B 17 -26.01 -8.72 2.74
CA TYR B 17 -27.32 -9.30 3.08
CA TYR B 17 -27.32 -9.23 3.12
C TYR B 17 -28.19 -9.45 1.84
C TYR B 17 -28.19 -9.43 1.88
N LYS B 18 -28.21 -8.41 1.00
CA LYS B 18 -29.02 -8.47 -0.22
C LYS B 18 -28.57 -9.57 -1.15
N VAL B 19 -27.25 -9.78 -1.26
CA VAL B 19 -26.72 -10.84 -2.12
C VAL B 19 -27.12 -12.20 -1.57
N LEU B 20 -27.02 -12.37 -0.26
CA LEU B 20 -27.47 -13.60 0.37
C LEU B 20 -28.95 -13.84 0.09
N LYS B 21 -29.75 -12.80 0.26
CA LYS B 21 -31.20 -12.88 0.03
C LYS B 21 -31.55 -13.31 -1.40
N GLN B 22 -30.79 -12.80 -2.38
CA GLN B 22 -31.03 -13.11 -3.79
C GLN B 22 -30.96 -14.61 -4.05
N THR B 23 -29.90 -15.22 -3.55
CA THR B 23 -29.62 -16.62 -3.83
C THR B 23 -30.38 -17.57 -2.90
N HIS B 24 -30.32 -17.31 -1.59
CA HIS B 24 -30.94 -18.20 -0.61
C HIS B 24 -31.69 -17.43 0.48
N PRO B 25 -32.95 -17.05 0.21
CA PRO B 25 -33.75 -16.22 1.11
C PRO B 25 -34.05 -16.91 2.44
N ASP B 26 -33.91 -18.24 2.48
CA ASP B 26 -34.22 -18.99 3.69
C ASP B 26 -33.00 -19.18 4.58
N THR B 27 -31.85 -18.66 4.13
CA THR B 27 -30.65 -18.68 4.95
C THR B 27 -30.27 -17.28 5.41
N GLY B 28 -30.07 -17.11 6.72
CA GLY B 28 -29.65 -15.83 7.27
C GLY B 28 -28.17 -15.84 7.59
N ILE B 29 -27.67 -14.75 8.16
CA ILE B 29 -26.27 -14.70 8.56
C ILE B 29 -26.12 -13.93 9.86
N SER B 30 -25.35 -14.48 10.79
CA SER B 30 -25.23 -13.85 12.10
C SER B 30 -24.42 -12.55 12.01
N GLN B 31 -24.55 -11.71 13.03
CA GLN B 31 -23.83 -10.44 13.04
C GLN B 31 -22.33 -10.64 13.02
N LYS B 32 -21.83 -11.59 13.79
CA LYS B 32 -20.39 -11.86 13.78
C LYS B 32 -19.93 -12.38 12.41
N SER B 33 -20.73 -13.22 11.77
CA SER B 33 -20.36 -13.72 10.45
C SER B 33 -20.34 -12.58 9.44
N MET B 34 -21.30 -11.68 9.55
CA MET B 34 -21.33 -10.52 8.65
C MET B 34 -20.09 -9.65 8.84
N SER B 35 -19.65 -9.47 10.07
CA SER B 35 -18.50 -8.62 10.36
C SER B 35 -17.24 -9.23 9.76
N ILE B 36 -17.15 -10.55 9.86
CA ILE B 36 -15.99 -11.26 9.29
C ILE B 36 -16.01 -11.14 7.77
N LEU B 37 -17.17 -11.38 7.17
CA LEU B 37 -17.25 -11.30 5.73
C LEU B 37 -16.99 -9.88 5.21
N ASN B 38 -17.55 -8.90 5.91
CA ASN B 38 -17.28 -7.49 5.58
C ASN B 38 -15.78 -7.17 5.61
N SER B 39 -15.07 -7.70 6.62
CA SER B 39 -13.63 -7.46 6.71
C SER B 39 -12.89 -8.12 5.55
N PHE B 40 -13.31 -9.32 5.14
CA PHE B 40 -12.73 -9.92 3.93
C PHE B 40 -12.87 -9.02 2.71
N VAL B 41 -14.05 -8.45 2.53
CA VAL B 41 -14.26 -7.61 1.35
C VAL B 41 -13.38 -6.36 1.42
N ASN B 42 -13.29 -5.74 2.59
CA ASN B 42 -12.37 -4.62 2.82
C ASN B 42 -10.92 -5.01 2.51
N ASP B 43 -10.51 -6.20 2.96
N ASP B 43 -10.52 -6.19 2.95
CA ASP B 43 -9.15 -6.68 2.71
CA ASP B 43 -9.14 -6.67 2.71
C ASP B 43 -8.85 -6.77 1.22
C ASP B 43 -8.85 -6.79 1.22
N ILE B 44 -9.75 -7.42 0.49
CA ILE B 44 -9.57 -7.63 -0.94
C ILE B 44 -9.64 -6.32 -1.73
N PHE B 45 -10.53 -5.41 -1.32
CA PHE B 45 -10.56 -4.08 -1.90
C PHE B 45 -9.18 -3.47 -1.83
N GLU B 46 -8.58 -3.53 -0.65
CA GLU B 46 -7.32 -2.85 -0.43
C GLU B 46 -6.19 -3.54 -1.20
N ARG B 47 -6.20 -4.85 -1.24
CA ARG B 47 -5.15 -5.55 -2.02
C ARG B 47 -5.21 -5.25 -3.51
N ILE B 48 -6.42 -5.23 -4.06
CA ILE B 48 -6.59 -4.89 -5.49
C ILE B 48 -6.24 -3.44 -5.78
N ALA B 49 -6.76 -2.52 -4.96
CA ALA B 49 -6.51 -1.11 -5.19
C ALA B 49 -5.03 -0.79 -5.13
N THR B 50 -4.34 -1.40 -4.17
CA THR B 50 -2.91 -1.18 -4.00
C THR B 50 -2.12 -1.73 -5.22
N GLU B 51 -2.48 -2.92 -5.65
CA GLU B 51 -1.79 -3.51 -6.82
C GLU B 51 -2.09 -2.67 -8.08
N ALA B 52 -3.32 -2.18 -8.22
CA ALA B 52 -3.66 -1.33 -9.37
C ALA B 52 -2.88 -0.02 -9.32
N SER B 53 -2.69 0.51 -8.12
CA SER B 53 -1.87 1.70 -7.92
C SER B 53 -0.46 1.47 -8.42
N LYS B 54 0.13 0.36 -7.99
CA LYS B 54 1.50 0.07 -8.38
C LYS B 54 1.59 -0.19 -9.90
N LEU B 55 0.61 -0.88 -10.48
CA LEU B 55 0.62 -1.08 -11.95
C LEU B 55 0.50 0.23 -12.72
N ALA B 56 -0.38 1.12 -12.28
CA ALA B 56 -0.52 2.40 -12.97
C ALA B 56 0.82 3.14 -12.93
N ALA B 57 1.47 3.13 -11.77
CA ALA B 57 2.73 3.84 -11.62
C ALA B 57 3.81 3.22 -12.52
N TYR B 58 3.89 1.90 -12.47
CA TYR B 58 4.85 1.14 -13.26
C TYR B 58 4.70 1.39 -14.75
N ASN B 59 3.46 1.44 -15.21
CA ASN B 59 3.17 1.67 -16.61
C ASN B 59 3.01 3.13 -16.99
N LYS B 60 3.42 4.03 -16.10
CA LYS B 60 3.45 5.47 -16.36
C LYS B 60 2.05 6.02 -16.73
N LYS B 61 1.06 5.59 -15.95
CA LYS B 61 -0.31 6.06 -16.06
C LYS B 61 -0.72 6.83 -14.81
N SER B 62 -1.38 7.97 -15.00
CA SER B 62 -1.83 8.80 -13.88
C SER B 62 -3.23 8.37 -13.42
N THR B 63 -3.86 7.52 -14.22
CA THR B 63 -5.25 7.13 -13.99
C THR B 63 -5.36 5.63 -13.79
N ILE B 64 -6.10 5.22 -12.77
CA ILE B 64 -6.44 3.81 -12.65
C ILE B 64 -7.73 3.56 -13.39
N SER B 65 -7.64 2.77 -14.45
CA SER B 65 -8.82 2.45 -15.27
C SER B 65 -9.23 1.01 -15.00
N ALA B 66 -10.33 0.58 -15.62
CA ALA B 66 -10.78 -0.80 -15.52
C ALA B 66 -9.70 -1.75 -15.97
N ARG B 67 -8.84 -1.30 -16.89
CA ARG B 67 -7.74 -2.14 -17.34
C ARG B 67 -6.72 -2.45 -16.24
N GLU B 68 -6.39 -1.46 -15.41
CA GLU B 68 -5.51 -1.72 -14.28
C GLU B 68 -6.22 -2.55 -13.23
N ILE B 69 -7.51 -2.34 -13.02
CA ILE B 69 -8.22 -3.19 -12.04
C ILE B 69 -8.18 -4.64 -12.52
N GLN B 70 -8.46 -4.86 -13.81
CA GLN B 70 -8.46 -6.23 -14.34
C GLN B 70 -7.15 -6.94 -14.08
N THR B 71 -6.04 -6.31 -14.45
CA THR B 71 -4.76 -6.98 -14.30
C THR B 71 -4.40 -7.15 -12.82
N ALA B 72 -4.79 -6.19 -11.99
CA ALA B 72 -4.56 -6.32 -10.54
C ALA B 72 -5.34 -7.51 -9.99
N VAL B 73 -6.59 -7.65 -10.43
CA VAL B 73 -7.40 -8.79 -10.02
C VAL B 73 -6.73 -10.12 -10.38
N ARG B 74 -6.21 -10.20 -11.60
CA ARG B 74 -5.51 -11.39 -12.04
C ARG B 74 -4.20 -11.62 -11.26
N LEU B 75 -3.59 -10.55 -10.75
CA LEU B 75 -2.39 -10.71 -9.95
C LEU B 75 -2.70 -11.13 -8.51
N ILE B 76 -3.90 -10.82 -8.05
CA ILE B 76 -4.23 -11.04 -6.63
C ILE B 76 -5.04 -12.32 -6.40
N LEU B 77 -6.01 -12.59 -7.26
CA LEU B 77 -6.88 -13.74 -7.08
C LEU B 77 -6.28 -14.99 -7.72
N PRO B 78 -6.43 -16.12 -7.03
CA PRO B 78 -5.93 -17.39 -7.59
C PRO B 78 -6.81 -17.89 -8.73
N GLY B 79 -6.19 -18.56 -9.71
CA GLY B 79 -6.89 -19.37 -10.70
C GLY B 79 -8.31 -19.11 -11.15
N GLU B 80 -9.24 -19.98 -10.78
CA GLU B 80 -10.61 -19.93 -11.30
C GLU B 80 -11.38 -18.76 -10.71
N LEU B 81 -11.00 -18.36 -9.49
CA LEU B 81 -11.60 -17.16 -8.90
C LEU B 81 -11.28 -15.97 -9.78
N ALA B 82 -10.01 -15.85 -10.17
CA ALA B 82 -9.58 -14.76 -11.06
C ALA B 82 -10.35 -14.75 -12.36
N LYS B 83 -10.53 -15.93 -12.95
CA LYS B 83 -11.20 -16.02 -14.24
C LYS B 83 -12.65 -15.57 -14.16
N HIS B 84 -13.34 -16.01 -13.13
CA HIS B 84 -14.74 -15.63 -12.96
C HIS B 84 -14.88 -14.16 -12.58
N ALA B 85 -13.96 -13.67 -11.75
CA ALA B 85 -13.99 -12.26 -11.36
C ALA B 85 -13.80 -11.37 -12.58
N VAL B 86 -12.86 -11.74 -13.42
CA VAL B 86 -12.60 -10.99 -14.65
C VAL B 86 -13.82 -10.97 -15.55
N SER B 87 -14.47 -12.12 -15.69
CA SER B 87 -15.71 -12.21 -16.45
C SER B 87 -16.76 -11.25 -15.93
N GLU B 88 -16.94 -11.26 -14.61
CA GLU B 88 -17.96 -10.44 -14.00
C GLU B 88 -17.62 -8.97 -14.10
N GLY B 89 -16.34 -8.63 -13.92
CA GLY B 89 -15.94 -7.23 -14.04
C GLY B 89 -16.20 -6.76 -15.46
N THR B 90 -15.73 -7.56 -16.41
CA THR B 90 -15.86 -7.21 -17.82
C THR B 90 -17.34 -7.03 -18.20
N ARG B 91 -18.17 -7.98 -17.78
CA ARG B 91 -19.60 -7.93 -18.03
C ARG B 91 -20.26 -6.68 -17.43
N ALA B 92 -19.85 -6.31 -16.21
CA ALA B 92 -20.45 -5.14 -15.58
C ALA B 92 -20.09 -3.84 -16.31
N VAL B 93 -18.82 -3.72 -16.72
CA VAL B 93 -18.37 -2.50 -17.38
C VAL B 93 -19.10 -2.34 -18.72
N THR B 94 -19.23 -3.44 -19.45
CA THR B 94 -19.96 -3.45 -20.71
C THR B 94 -21.41 -3.00 -20.54
N LYS B 95 -22.10 -3.60 -19.58
CA LYS B 95 -23.50 -3.26 -19.32
C LYS B 95 -23.62 -1.80 -18.91
N TYR B 96 -22.72 -1.35 -18.03
CA TYR B 96 -22.65 0.04 -17.61
C TYR B 96 -22.54 1.02 -18.79
N SER B 97 -21.68 0.69 -19.75
CA SER B 97 -21.37 1.57 -20.88
C SER B 97 -22.38 1.47 -22.01
N SER B 98 -23.32 0.53 -21.89
CA SER B 98 -24.29 0.29 -22.95
C SER B 98 -25.53 1.17 -22.79
N SER C 18 28.86 -9.19 -27.36
CA SER C 18 27.85 -10.19 -27.01
C SER C 18 26.74 -9.59 -26.15
N ARG C 19 25.51 -9.64 -26.65
CA ARG C 19 24.39 -9.03 -25.94
C ARG C 19 24.14 -9.73 -24.60
N SER C 20 24.30 -11.06 -24.59
CA SER C 20 24.18 -11.82 -23.35
C SER C 20 25.23 -11.38 -22.33
N ALA C 21 26.48 -11.35 -22.77
CA ALA C 21 27.59 -10.87 -21.94
C ALA C 21 27.29 -9.50 -21.36
N LYS C 22 26.83 -8.59 -22.21
CA LYS C 22 26.48 -7.24 -21.78
C LYS C 22 25.41 -7.26 -20.70
N ALA C 23 24.53 -8.26 -20.76
CA ALA C 23 23.43 -8.36 -19.81
C ALA C 23 23.81 -9.24 -18.60
N GLY C 24 25.02 -9.80 -18.64
CA GLY C 24 25.45 -10.67 -17.56
C GLY C 24 24.76 -12.02 -17.59
N LEU C 25 24.46 -12.50 -18.80
CA LEU C 25 23.65 -13.71 -18.97
C LEU C 25 24.41 -14.78 -19.75
N THR C 26 24.03 -16.04 -19.53
CA THR C 26 24.55 -17.17 -20.28
C THR C 26 23.60 -17.56 -21.41
N PHE C 27 22.29 -17.52 -21.13
CA PHE C 27 21.30 -17.81 -22.15
C PHE C 27 21.35 -16.75 -23.26
N PRO C 28 20.87 -17.08 -24.47
CA PRO C 28 21.15 -16.26 -25.65
C PRO C 28 20.12 -15.16 -25.92
N VAL C 29 20.47 -13.93 -25.59
CA VAL C 29 19.56 -12.80 -25.73
C VAL C 29 19.14 -12.61 -27.19
N GLY C 30 20.10 -12.70 -28.11
CA GLY C 30 19.80 -12.55 -29.53
C GLY C 30 18.81 -13.57 -30.06
N ARG C 31 18.94 -14.83 -29.63
CA ARG C 31 18.00 -15.86 -30.06
C ARG C 31 16.61 -15.61 -29.52
N VAL C 32 16.54 -15.25 -28.25
CA VAL C 32 15.26 -15.01 -27.60
C VAL C 32 14.61 -13.79 -28.28
N HIS C 33 15.43 -12.82 -28.65
CA HIS C 33 14.91 -11.65 -29.34
C HIS C 33 14.31 -12.06 -30.70
N ARG C 34 15.04 -12.87 -31.47
CA ARG C 34 14.51 -13.35 -32.74
C ARG C 34 13.21 -14.13 -32.58
N LEU C 35 13.16 -15.01 -31.58
CA LEU C 35 11.93 -15.76 -31.30
C LEU C 35 10.77 -14.84 -30.98
N LEU C 36 11.02 -13.79 -30.21
CA LEU C 36 9.94 -12.85 -29.92
C LEU C 36 9.49 -12.14 -31.20
N ARG C 37 10.45 -11.77 -32.06
CA ARG C 37 10.11 -11.03 -33.27
C ARG C 37 9.29 -11.87 -34.24
N ARG C 38 9.62 -13.14 -34.32
CA ARG C 38 9.05 -14.04 -35.31
C ARG C 38 7.71 -14.63 -34.87
N GLY C 39 7.38 -14.44 -33.60
CA GLY C 39 6.19 -15.05 -33.00
C GLY C 39 4.93 -14.24 -33.23
N ASN C 40 5.09 -13.08 -33.87
CA ASN C 40 3.98 -12.13 -34.11
C ASN C 40 3.18 -11.87 -32.83
N TYR C 41 3.92 -11.61 -31.77
CA TYR C 41 3.31 -11.31 -30.47
C TYR C 41 2.85 -9.85 -30.39
N ALA C 42 3.49 -8.99 -31.17
CA ALA C 42 3.15 -7.56 -31.22
C ALA C 42 3.83 -6.97 -32.44
N GLN C 43 3.45 -5.74 -32.80
CA GLN C 43 4.04 -5.11 -33.97
C GLN C 43 5.53 -4.83 -33.76
N ARG C 44 5.90 -4.51 -32.53
CA ARG C 44 7.29 -4.25 -32.17
C ARG C 44 7.67 -4.95 -30.89
N ILE C 45 8.92 -5.38 -30.83
CA ILE C 45 9.52 -5.88 -29.59
C ILE C 45 10.53 -4.86 -29.08
N GLY C 46 10.29 -4.33 -27.87
CA GLY C 46 11.19 -3.35 -27.26
C GLY C 46 12.56 -3.94 -26.93
N SER C 47 13.61 -3.11 -26.88
CA SER C 47 14.95 -3.69 -26.82
C SER C 47 15.21 -4.40 -25.47
N GLY C 48 14.54 -3.96 -24.42
CA GLY C 48 14.70 -4.58 -23.12
C GLY C 48 13.93 -5.88 -22.94
N ALA C 49 12.87 -6.08 -23.71
CA ALA C 49 12.04 -7.26 -23.57
C ALA C 49 12.83 -8.59 -23.69
N PRO C 50 13.66 -8.77 -24.75
CA PRO C 50 14.38 -10.06 -24.78
C PRO C 50 15.43 -10.22 -23.68
N VAL C 51 16.02 -9.12 -23.23
CA VAL C 51 17.01 -9.21 -22.17
C VAL C 51 16.34 -9.68 -20.89
N TYR C 52 15.18 -9.09 -20.59
CA TYR C 52 14.47 -9.43 -19.38
C TYR C 52 14.05 -10.89 -19.43
N LEU C 53 13.49 -11.30 -20.56
CA LEU C 53 12.93 -12.65 -20.69
C LEU C 53 14.05 -13.69 -20.67
N THR C 54 15.15 -13.37 -21.31
CA THR C 54 16.28 -14.28 -21.32
C THR C 54 16.75 -14.54 -19.89
N ALA C 55 16.81 -13.50 -19.08
CA ALA C 55 17.24 -13.65 -17.68
C ALA C 55 16.29 -14.53 -16.91
N VAL C 56 15.00 -14.37 -17.17
CA VAL C 56 14.02 -15.19 -16.47
C VAL C 56 14.18 -16.67 -16.82
N LEU C 57 14.38 -16.96 -18.10
CA LEU C 57 14.48 -18.35 -18.55
C LEU C 57 15.73 -18.96 -17.95
N GLU C 58 16.81 -18.17 -17.91
CA GLU C 58 18.07 -18.68 -17.36
C GLU C 58 17.90 -18.96 -15.87
N TYR C 59 17.23 -18.05 -15.18
CA TYR C 59 17.00 -18.19 -13.76
C TYR C 59 16.21 -19.45 -13.44
N LEU C 60 15.13 -19.68 -14.18
CA LEU C 60 14.33 -20.88 -13.98
C LEU C 60 15.15 -22.16 -14.25
N ALA C 61 15.91 -22.17 -15.35
CA ALA C 61 16.76 -23.33 -15.62
C ALA C 61 17.74 -23.56 -14.48
N ALA C 62 18.32 -22.47 -13.98
CA ALA C 62 19.33 -22.60 -12.94
C ALA C 62 18.72 -23.16 -11.64
N GLU C 63 17.51 -22.74 -11.31
CA GLU C 63 16.80 -23.31 -10.16
C GLU C 63 16.60 -24.82 -10.33
N ILE C 64 16.12 -25.23 -11.50
CA ILE C 64 15.85 -26.65 -11.73
C ILE C 64 17.16 -27.44 -11.72
N LEU C 65 18.18 -26.90 -12.36
CA LEU C 65 19.46 -27.61 -12.47
C LEU C 65 20.14 -27.79 -11.10
N GLU C 66 20.08 -26.75 -10.28
CA GLU C 66 20.64 -26.86 -8.93
C GLU C 66 19.96 -27.97 -8.14
N LEU C 67 18.64 -27.98 -8.18
CA LEU C 67 17.87 -28.96 -7.39
C LEU C 67 18.00 -30.37 -7.95
N ALA C 68 17.98 -30.49 -9.27
CA ALA C 68 18.25 -31.79 -9.92
C ALA C 68 19.68 -32.30 -9.68
N GLY C 69 20.66 -31.42 -9.80
CA GLY C 69 22.04 -31.81 -9.57
C GLY C 69 22.27 -32.22 -8.12
N ASN C 70 21.62 -31.52 -7.20
CA ASN C 70 21.69 -31.90 -5.79
C ASN C 70 21.10 -33.28 -5.55
N ALA C 71 19.96 -33.56 -6.18
CA ALA C 71 19.35 -34.88 -6.08
C ALA C 71 20.30 -35.96 -6.61
N ALA C 72 20.92 -35.71 -7.76
CA ALA C 72 21.89 -36.66 -8.31
C ALA C 72 23.05 -36.89 -7.34
N ARG C 73 23.65 -35.81 -6.84
CA ARG C 73 24.79 -35.92 -5.95
C ARG C 73 24.45 -36.67 -4.66
N ASP C 74 23.30 -36.34 -4.07
CA ASP C 74 22.83 -37.01 -2.85
C ASP C 74 22.54 -38.49 -3.10
N ASN C 75 22.31 -38.82 -4.36
CA ASN C 75 21.98 -40.16 -4.81
C ASN C 75 23.25 -40.90 -5.23
N LYS C 76 24.39 -40.27 -4.98
CA LYS C 76 25.70 -40.79 -5.39
C LYS C 76 25.78 -41.08 -6.88
N LYS C 77 25.17 -40.21 -7.68
CA LYS C 77 25.22 -40.30 -9.14
C LYS C 77 26.01 -39.15 -9.75
N THR C 78 26.67 -39.41 -10.87
CA THR C 78 27.52 -38.42 -11.52
C THR C 78 26.75 -37.69 -12.61
N ARG C 79 25.52 -38.12 -12.82
CA ARG C 79 24.72 -37.70 -13.96
C ARG C 79 23.26 -37.46 -13.56
N ILE C 80 22.69 -36.32 -13.96
CA ILE C 80 21.26 -36.10 -13.78
C ILE C 80 20.47 -37.01 -14.72
N ILE C 81 19.55 -37.79 -14.17
CA ILE C 81 18.66 -38.61 -14.98
C ILE C 81 17.22 -38.14 -14.76
N PRO C 82 16.26 -38.61 -15.59
CA PRO C 82 14.94 -37.98 -15.51
C PRO C 82 14.23 -38.10 -14.15
N ARG C 83 14.45 -39.17 -13.40
N ARG C 83 14.45 -39.17 -13.40
CA ARG C 83 13.81 -39.26 -12.08
CA ARG C 83 13.82 -39.27 -12.09
C ARG C 83 14.38 -38.21 -11.14
C ARG C 83 14.39 -38.23 -11.12
N HIS C 84 15.59 -37.74 -11.40
CA HIS C 84 16.17 -36.65 -10.60
C HIS C 84 15.47 -35.33 -10.89
N LEU C 85 15.18 -35.08 -12.18
CA LEU C 85 14.38 -33.90 -12.57
C LEU C 85 12.99 -33.98 -11.96
N GLN C 86 12.44 -35.19 -11.98
CA GLN C 86 11.11 -35.44 -11.46
C GLN C 86 11.05 -35.14 -9.97
N LEU C 87 12.04 -35.63 -9.25
CA LEU C 87 12.15 -35.45 -7.82
C LEU C 87 12.29 -33.95 -7.53
N ALA C 88 13.20 -33.32 -8.25
CA ALA C 88 13.43 -31.88 -8.12
C ALA C 88 12.16 -31.05 -8.29
N ILE C 89 11.41 -31.31 -9.36
CA ILE C 89 10.20 -30.54 -9.64
C ILE C 89 9.09 -30.84 -8.65
N ARG C 90 8.83 -32.13 -8.41
CA ARG C 90 7.67 -32.53 -7.60
C ARG C 90 7.79 -32.16 -6.13
N ASN C 91 9.01 -32.13 -5.63
CA ASN C 91 9.25 -31.84 -4.24
C ASN C 91 9.35 -30.36 -3.95
N ASP C 92 9.30 -29.57 -5.01
CA ASP C 92 9.36 -28.12 -4.83
C ASP C 92 7.96 -27.57 -5.08
N ASP C 93 7.32 -27.02 -4.04
CA ASP C 93 5.93 -26.60 -4.13
C ASP C 93 5.74 -25.67 -5.36
N GLU C 94 6.65 -24.72 -5.49
CA GLU C 94 6.53 -23.73 -6.58
C GLU C 94 6.82 -24.29 -7.99
N LEU C 95 7.92 -25.02 -8.15
CA LEU C 95 8.21 -25.63 -9.47
C LEU C 95 7.13 -26.65 -9.82
N ASN C 96 6.60 -27.35 -8.80
CA ASN C 96 5.52 -28.30 -9.05
C ASN C 96 4.28 -27.59 -9.63
N LYS C 97 3.98 -26.43 -9.08
CA LYS C 97 2.85 -25.64 -9.55
C LYS C 97 3.10 -25.15 -10.97
N LEU C 98 4.31 -24.68 -11.20
CA LEU C 98 4.66 -24.11 -12.51
C LEU C 98 4.71 -25.15 -13.62
N LEU C 99 5.34 -26.28 -13.35
CA LEU C 99 5.65 -27.27 -14.38
C LEU C 99 4.83 -28.55 -14.27
N GLY C 100 3.67 -28.46 -13.62
CA GLY C 100 2.86 -29.63 -13.33
C GLY C 100 2.38 -30.41 -14.54
N LYS D 2 -2.71 -23.17 -26.85
CA LYS D 2 -3.75 -23.75 -27.71
C LYS D 2 -3.24 -25.02 -28.40
N LYS D 3 -2.12 -24.92 -29.10
CA LYS D 3 -1.56 -26.06 -29.81
C LYS D 3 -0.42 -26.72 -29.04
N ARG D 4 -0.02 -27.91 -29.47
CA ARG D 4 1.15 -28.57 -28.90
C ARG D 4 2.37 -27.67 -29.08
N SER D 5 3.42 -27.92 -28.31
CA SER D 5 4.64 -27.13 -28.35
C SER D 5 5.16 -26.96 -29.78
N LYS D 6 5.48 -25.72 -30.15
CA LYS D 6 5.99 -25.42 -31.48
C LYS D 6 7.29 -26.19 -31.76
N ALA D 7 7.51 -26.53 -33.01
CA ALA D 7 8.77 -27.16 -33.42
C ALA D 7 9.88 -26.12 -33.49
N ARG D 8 11.01 -26.42 -32.84
CA ARG D 8 12.17 -25.52 -32.85
C ARG D 8 13.34 -26.14 -33.60
N LYS D 9 14.04 -25.33 -34.38
CA LYS D 9 15.27 -25.77 -35.03
C LYS D 9 16.39 -25.83 -33.99
N GLU D 10 16.48 -24.77 -33.20
CA GLU D 10 17.52 -24.66 -32.19
C GLU D 10 16.98 -25.02 -30.81
N THR D 11 17.86 -25.47 -29.93
CA THR D 11 17.49 -25.75 -28.56
C THR D 11 18.27 -24.81 -27.63
N TYR D 12 17.85 -24.77 -26.37
CA TYR D 12 18.57 -24.08 -25.31
C TYR D 12 19.66 -24.99 -24.71
N SER D 13 19.72 -26.21 -25.19
CA SER D 13 20.50 -27.26 -24.51
C SER D 13 21.97 -26.91 -24.25
N SER D 14 22.66 -26.30 -25.22
CA SER D 14 24.07 -25.98 -25.00
C SER D 14 24.22 -24.94 -23.89
N TYR D 15 23.25 -24.01 -23.75
CA TYR D 15 23.30 -23.01 -22.70
C TYR D 15 22.91 -23.62 -21.36
N ILE D 16 21.96 -24.53 -21.39
CA ILE D 16 21.56 -25.26 -20.18
C ILE D 16 22.76 -26.00 -19.64
N TYR D 17 23.49 -26.62 -20.56
CA TYR D 17 24.68 -27.37 -20.16
C TYR D 17 25.74 -26.45 -19.52
N LYS D 18 25.96 -25.29 -20.12
CA LYS D 18 26.85 -24.30 -19.52
C LYS D 18 26.43 -23.87 -18.12
N VAL D 19 25.13 -23.60 -17.92
CA VAL D 19 24.63 -23.22 -16.61
C VAL D 19 24.82 -24.38 -15.63
N LEU D 20 24.56 -25.59 -16.09
CA LEU D 20 24.78 -26.76 -15.22
C LEU D 20 26.22 -26.78 -14.68
N LYS D 21 27.18 -26.59 -15.57
CA LYS D 21 28.59 -26.62 -15.20
C LYS D 21 28.98 -25.50 -14.24
N GLN D 22 28.22 -24.41 -14.23
CA GLN D 22 28.54 -23.30 -13.33
C GLN D 22 28.41 -23.74 -11.88
N THR D 23 27.40 -24.57 -11.59
CA THR D 23 27.11 -24.95 -10.21
C THR D 23 27.59 -26.37 -9.90
N HIS D 24 27.56 -27.23 -10.90
CA HIS D 24 27.95 -28.62 -10.73
C HIS D 24 28.93 -29.04 -11.83
N PRO D 25 30.19 -28.59 -11.75
CA PRO D 25 31.15 -28.79 -12.84
C PRO D 25 31.38 -30.26 -13.20
N ASP D 26 31.19 -31.17 -12.25
CA ASP D 26 31.50 -32.57 -12.52
C ASP D 26 30.26 -33.44 -12.67
N THR D 27 29.10 -32.78 -12.80
CA THR D 27 27.84 -33.49 -12.96
C THR D 27 27.39 -33.43 -14.42
N GLY D 28 27.04 -34.58 -14.99
CA GLY D 28 26.58 -34.63 -16.38
C GLY D 28 25.06 -34.62 -16.41
N ILE D 29 24.50 -34.76 -17.60
CA ILE D 29 23.04 -34.79 -17.71
C ILE D 29 22.69 -35.72 -18.87
N SER D 30 21.71 -36.59 -18.65
CA SER D 30 21.37 -37.55 -19.68
C SER D 30 20.68 -36.83 -20.85
N GLN D 31 20.60 -37.51 -21.99
CA GLN D 31 20.02 -36.85 -23.17
C GLN D 31 18.52 -36.62 -23.00
N LYS D 32 17.82 -37.59 -22.45
CA LYS D 32 16.40 -37.42 -22.13
C LYS D 32 16.19 -36.29 -21.10
N SER D 33 17.04 -36.20 -20.10
CA SER D 33 16.91 -35.12 -19.11
C SER D 33 17.09 -33.76 -19.77
N MET D 34 18.07 -33.65 -20.67
CA MET D 34 18.29 -32.37 -21.34
C MET D 34 17.09 -31.99 -22.19
N SER D 35 16.52 -32.98 -22.87
CA SER D 35 15.32 -32.79 -23.70
C SER D 35 14.14 -32.27 -22.87
N ILE D 36 13.93 -32.89 -21.71
CA ILE D 36 12.88 -32.44 -20.80
C ILE D 36 13.11 -30.99 -20.37
N LEU D 37 14.35 -30.68 -20.01
CA LEU D 37 14.63 -29.33 -19.54
C LEU D 37 14.47 -28.32 -20.65
N ASN D 38 14.98 -28.67 -21.82
CA ASN D 38 14.82 -27.77 -22.99
C ASN D 38 13.34 -27.50 -23.25
N SER D 39 12.52 -28.54 -23.15
CA SER D 39 11.08 -28.39 -23.34
C SER D 39 10.43 -27.47 -22.32
N PHE D 40 10.88 -27.58 -21.08
CA PHE D 40 10.39 -26.70 -20.03
C PHE D 40 10.68 -25.25 -20.39
N VAL D 41 11.91 -24.99 -20.83
CA VAL D 41 12.32 -23.63 -21.15
C VAL D 41 11.45 -23.10 -22.30
N ASN D 42 11.24 -23.92 -23.34
CA ASN D 42 10.39 -23.47 -24.48
C ASN D 42 8.95 -23.23 -24.02
N ASP D 43 8.46 -24.10 -23.15
CA ASP D 43 7.09 -23.95 -22.63
C ASP D 43 6.93 -22.63 -21.88
N ILE D 44 7.90 -22.32 -21.02
CA ILE D 44 7.84 -21.11 -20.23
C ILE D 44 8.00 -19.87 -21.13
N PHE D 45 8.91 -19.95 -22.11
CA PHE D 45 9.03 -18.86 -23.09
C PHE D 45 7.66 -18.54 -23.68
N GLU D 46 6.97 -19.58 -24.14
CA GLU D 46 5.72 -19.37 -24.85
C GLU D 46 4.62 -18.87 -23.94
N ARG D 47 4.56 -19.37 -22.71
CA ARG D 47 3.55 -18.87 -21.78
C ARG D 47 3.76 -17.39 -21.47
N ILE D 48 5.02 -17.00 -21.27
CA ILE D 48 5.30 -15.63 -20.91
C ILE D 48 5.08 -14.70 -22.12
N ALA D 49 5.55 -15.14 -23.29
CA ALA D 49 5.39 -14.34 -24.52
C ALA D 49 3.92 -14.13 -24.84
N THR D 50 3.15 -15.21 -24.70
CA THR D 50 1.73 -15.12 -25.01
C THR D 50 1.02 -14.19 -24.04
N GLU D 51 1.35 -14.30 -22.76
CA GLU D 51 0.74 -13.42 -21.77
C GLU D 51 1.13 -11.96 -22.02
N ALA D 52 2.40 -11.70 -22.33
CA ALA D 52 2.83 -10.32 -22.65
C ALA D 52 2.15 -9.79 -23.90
N SER D 53 1.96 -10.66 -24.89
CA SER D 53 1.25 -10.29 -26.10
C SER D 53 -0.17 -9.83 -25.75
N LYS D 54 -0.83 -10.63 -24.92
CA LYS D 54 -2.20 -10.33 -24.50
C LYS D 54 -2.27 -9.02 -23.73
N LEU D 55 -1.32 -8.82 -22.82
CA LEU D 55 -1.26 -7.57 -22.04
C LEU D 55 -1.07 -6.35 -22.93
N ALA D 56 -0.10 -6.41 -23.84
CA ALA D 56 0.10 -5.28 -24.77
C ALA D 56 -1.16 -4.99 -25.56
N ALA D 57 -1.82 -6.01 -26.09
CA ALA D 57 -3.02 -5.79 -26.91
C ALA D 57 -4.13 -5.20 -26.05
N TYR D 58 -4.33 -5.80 -24.88
CA TYR D 58 -5.37 -5.33 -23.96
C TYR D 58 -5.19 -3.84 -23.62
N ASN D 59 -3.93 -3.44 -23.49
CA ASN D 59 -3.61 -2.06 -23.18
C ASN D 59 -3.36 -1.19 -24.41
N LYS D 60 -3.73 -1.71 -25.58
CA LYS D 60 -3.62 -0.97 -26.85
C LYS D 60 -2.21 -0.46 -27.12
N LYS D 61 -1.23 -1.26 -26.73
CA LYS D 61 0.17 -0.96 -27.04
C LYS D 61 0.62 -1.81 -28.21
N SER D 62 1.39 -1.21 -29.13
CA SER D 62 1.89 -1.96 -30.28
C SER D 62 3.26 -2.54 -30.01
N THR D 63 3.80 -2.25 -28.83
CA THR D 63 5.14 -2.73 -28.47
C THR D 63 5.12 -3.57 -27.20
N ILE D 64 5.77 -4.73 -27.25
CA ILE D 64 6.03 -5.48 -26.01
C ILE D 64 7.37 -5.02 -25.44
N SER D 65 7.29 -4.37 -24.28
CA SER D 65 8.49 -3.82 -23.63
C SER D 65 8.84 -4.70 -22.45
N ALA D 66 9.95 -4.39 -21.77
CA ALA D 66 10.29 -5.12 -20.54
C ALA D 66 9.17 -5.03 -19.50
N ARG D 67 8.39 -3.94 -19.50
CA ARG D 67 7.29 -3.85 -18.52
C ARG D 67 6.22 -4.92 -18.73
N GLU D 68 5.88 -5.19 -19.99
CA GLU D 68 4.92 -6.26 -20.28
C GLU D 68 5.50 -7.61 -19.89
N ILE D 69 6.79 -7.83 -20.15
CA ILE D 69 7.40 -9.09 -19.75
C ILE D 69 7.32 -9.23 -18.23
N GLN D 70 7.63 -8.15 -17.52
CA GLN D 70 7.60 -8.26 -16.05
C GLN D 70 6.23 -8.64 -15.54
N THR D 71 5.20 -7.96 -16.04
CA THR D 71 3.88 -8.26 -15.52
C THR D 71 3.46 -9.67 -15.92
N ALA D 72 3.82 -10.08 -17.13
CA ALA D 72 3.55 -11.44 -17.59
C ALA D 72 4.19 -12.46 -16.66
N VAL D 73 5.46 -12.21 -16.30
CA VAL D 73 6.17 -13.12 -15.40
C VAL D 73 5.42 -13.25 -14.07
N ARG D 74 4.96 -12.13 -13.53
CA ARG D 74 4.22 -12.13 -12.28
C ARG D 74 2.87 -12.85 -12.39
N LEU D 75 2.30 -12.86 -13.60
CA LEU D 75 1.04 -13.58 -13.83
C LEU D 75 1.26 -15.09 -14.00
N ILE D 76 2.44 -15.48 -14.43
CA ILE D 76 2.71 -16.88 -14.80
C ILE D 76 3.45 -17.65 -13.69
N LEU D 77 4.45 -17.02 -13.07
CA LEU D 77 5.25 -17.73 -12.07
C LEU D 77 4.64 -17.62 -10.68
N PRO D 78 4.72 -18.70 -9.91
CA PRO D 78 4.22 -18.65 -8.53
C PRO D 78 5.20 -18.01 -7.56
N GLY D 79 4.66 -17.33 -6.54
CA GLY D 79 5.39 -16.95 -5.34
C GLY D 79 6.81 -16.43 -5.45
N GLU D 80 7.71 -17.13 -4.76
CA GLU D 80 9.11 -16.74 -4.70
C GLU D 80 9.81 -16.87 -6.04
N LEU D 81 9.34 -17.80 -6.87
CA LEU D 81 9.90 -17.90 -8.22
C LEU D 81 9.70 -16.58 -8.94
N ALA D 82 8.49 -16.02 -8.85
CA ALA D 82 8.20 -14.79 -9.56
C ALA D 82 9.05 -13.66 -9.02
N LYS D 83 9.17 -13.58 -7.70
CA LYS D 83 9.96 -12.53 -7.08
C LYS D 83 11.41 -12.56 -7.53
N HIS D 84 12.00 -13.75 -7.55
CA HIS D 84 13.39 -13.87 -7.95
C HIS D 84 13.56 -13.62 -9.44
N ALA D 85 12.62 -14.11 -10.23
CA ALA D 85 12.67 -13.90 -11.68
C ALA D 85 12.62 -12.42 -12.03
N VAL D 86 11.74 -11.70 -11.34
CA VAL D 86 11.60 -10.26 -11.54
C VAL D 86 12.88 -9.54 -11.17
N SER D 87 13.50 -9.94 -10.05
CA SER D 87 14.81 -9.42 -9.68
C SER D 87 15.84 -9.64 -10.74
N GLU D 88 15.92 -10.86 -11.28
CA GLU D 88 16.92 -11.17 -12.30
C GLU D 88 16.67 -10.41 -13.60
N GLY D 89 15.42 -10.37 -14.02
CA GLY D 89 15.09 -9.67 -15.25
C GLY D 89 15.39 -8.18 -15.13
N THR D 90 14.99 -7.59 -14.01
CA THR D 90 15.25 -6.16 -13.79
C THR D 90 16.76 -5.87 -13.78
N ARG D 91 17.50 -6.70 -13.04
CA ARG D 91 18.95 -6.63 -12.98
C ARG D 91 19.63 -6.73 -14.34
N ALA D 92 19.16 -7.65 -15.19
CA ALA D 92 19.77 -7.85 -16.48
C ALA D 92 19.55 -6.65 -17.40
N VAL D 93 18.34 -6.11 -17.39
CA VAL D 93 18.01 -4.95 -18.23
C VAL D 93 18.86 -3.75 -17.83
N THR D 94 19.02 -3.56 -16.52
CA THR D 94 19.85 -2.48 -15.99
C THR D 94 21.29 -2.64 -16.44
N LYS D 95 21.82 -3.86 -16.30
CA LYS D 95 23.20 -4.13 -16.68
C LYS D 95 23.38 -3.93 -18.17
N TYR D 96 22.37 -4.34 -18.94
CA TYR D 96 22.42 -4.21 -20.38
C TYR D 96 22.45 -2.74 -20.82
N SER D 97 21.67 -1.91 -20.15
CA SER D 97 21.54 -0.49 -20.51
C SER D 97 22.68 0.38 -19.97
N SER D 98 23.61 -0.22 -19.23
CA SER D 98 24.67 0.53 -18.56
C SER D 98 25.75 0.97 -19.55
N SER E 18 30.40 8.60 -3.65
CA SER E 18 29.02 8.12 -3.62
C SER E 18 28.04 9.26 -3.40
N ARG E 19 26.76 8.99 -3.67
CA ARG E 19 25.73 9.98 -3.41
C ARG E 19 25.53 10.17 -1.90
N SER E 20 25.66 9.07 -1.15
CA SER E 20 25.65 9.14 0.31
C SER E 20 26.74 10.11 0.80
N ALA E 21 27.93 10.03 0.21
CA ALA E 21 29.01 10.93 0.59
C ALA E 21 28.67 12.39 0.27
N LYS E 22 28.15 12.64 -0.93
CA LYS E 22 27.68 13.97 -1.32
C LYS E 22 26.68 14.57 -0.33
N ALA E 23 25.89 13.73 0.31
CA ALA E 23 24.86 14.19 1.23
C ALA E 23 25.31 14.18 2.69
N GLY E 24 26.54 13.73 2.92
CA GLY E 24 27.06 13.58 4.26
C GLY E 24 26.38 12.46 5.05
N LEU E 25 25.93 11.43 4.35
CA LEU E 25 25.23 10.32 4.99
C LEU E 25 26.03 9.03 5.07
N THR E 26 25.66 8.18 6.03
CA THR E 26 26.21 6.84 6.17
C THR E 26 25.32 5.81 5.49
N PHE E 27 24.00 6.00 5.58
CA PHE E 27 23.05 5.09 4.93
C PHE E 27 23.13 5.26 3.42
N PRO E 28 22.69 4.25 2.65
CA PRO E 28 22.93 4.20 1.20
C PRO E 28 21.88 4.89 0.33
N VAL E 29 22.21 6.05 -0.20
CA VAL E 29 21.25 6.81 -1.00
C VAL E 29 20.86 6.05 -2.25
N GLY E 30 21.86 5.48 -2.92
CA GLY E 30 21.64 4.75 -4.14
C GLY E 30 20.69 3.58 -3.95
N ARG E 31 20.86 2.84 -2.86
CA ARG E 31 20.02 1.68 -2.60
C ARG E 31 18.59 2.08 -2.22
N VAL E 32 18.45 3.17 -1.48
CA VAL E 32 17.12 3.69 -1.15
C VAL E 32 16.41 4.18 -2.41
N HIS E 33 17.14 4.85 -3.30
CA HIS E 33 16.57 5.29 -4.57
C HIS E 33 16.06 4.08 -5.37
N ARG E 34 16.85 3.01 -5.44
CA ARG E 34 16.42 1.82 -6.16
C ARG E 34 15.20 1.18 -5.52
N LEU E 35 15.16 1.14 -4.20
CA LEU E 35 13.99 0.61 -3.49
C LEU E 35 12.73 1.45 -3.78
N LEU E 36 12.89 2.76 -3.84
CA LEU E 36 11.76 3.64 -4.14
C LEU E 36 11.25 3.40 -5.56
N ARG E 37 12.17 3.27 -6.51
CA ARG E 37 11.75 3.08 -7.89
C ARG E 37 11.06 1.74 -8.08
N ARG E 38 11.60 0.68 -7.49
CA ARG E 38 11.04 -0.64 -7.70
C ARG E 38 9.76 -0.87 -6.89
N GLY E 39 9.49 -0.01 -5.92
CA GLY E 39 8.26 -0.13 -5.16
C GLY E 39 7.06 0.42 -5.93
N ASN E 40 7.33 1.12 -7.03
CA ASN E 40 6.27 1.74 -7.85
C ASN E 40 5.31 2.57 -7.01
N TYR E 41 5.89 3.41 -6.16
CA TYR E 41 5.16 4.39 -5.35
C TYR E 41 4.64 5.55 -6.17
N ALA E 42 5.28 5.82 -7.31
CA ALA E 42 4.84 6.88 -8.21
C ALA E 42 5.46 6.64 -9.59
N GLN E 43 5.06 7.42 -10.58
CA GLN E 43 5.63 7.23 -11.91
C GLN E 43 7.10 7.59 -11.94
N ARG E 44 7.46 8.63 -11.21
CA ARG E 44 8.84 9.09 -11.14
C ARG E 44 9.25 9.43 -9.70
N ILE E 45 10.53 9.25 -9.42
CA ILE E 45 11.11 9.64 -8.14
C ILE E 45 12.10 10.81 -8.34
N GLY E 46 11.84 11.95 -7.71
CA GLY E 46 12.73 13.10 -7.80
C GLY E 46 14.10 12.81 -7.19
N SER E 47 15.13 13.48 -7.70
CA SER E 47 16.50 13.20 -7.23
C SER E 47 16.70 13.51 -5.74
N GLY E 48 15.88 14.42 -5.20
CA GLY E 48 16.00 14.80 -3.80
C GLY E 48 15.32 13.83 -2.84
N ALA E 49 14.32 13.10 -3.33
CA ALA E 49 13.54 12.20 -2.46
C ALA E 49 14.36 11.08 -1.76
N PRO E 50 15.25 10.37 -2.50
CA PRO E 50 15.99 9.33 -1.78
C PRO E 50 17.03 9.89 -0.82
N VAL E 51 17.57 11.07 -1.10
CA VAL E 51 18.48 11.74 -0.18
C VAL E 51 17.77 12.09 1.13
N TYR E 52 16.61 12.70 1.02
CA TYR E 52 15.82 13.06 2.20
C TYR E 52 15.46 11.81 3.01
N LEU E 53 14.93 10.81 2.33
CA LEU E 53 14.47 9.60 2.99
C LEU E 53 15.63 8.83 3.62
N THR E 54 16.75 8.74 2.94
CA THR E 54 17.92 8.05 3.50
C THR E 54 18.37 8.71 4.81
N ALA E 55 18.37 10.04 4.83
CA ALA E 55 18.79 10.78 6.01
C ALA E 55 17.84 10.52 7.17
N VAL E 56 16.55 10.44 6.87
CA VAL E 56 15.54 10.18 7.90
C VAL E 56 15.70 8.78 8.52
N LEU E 57 15.96 7.80 7.66
CA LEU E 57 16.14 6.43 8.12
C LEU E 57 17.43 6.30 8.94
N GLU E 58 18.48 6.99 8.51
CA GLU E 58 19.73 6.97 9.26
C GLU E 58 19.53 7.58 10.63
N TYR E 59 18.84 8.72 10.67
CA TYR E 59 18.52 9.39 11.93
C TYR E 59 17.76 8.48 12.88
N LEU E 60 16.75 7.79 12.36
CA LEU E 60 15.92 6.96 13.22
C LEU E 60 16.73 5.78 13.74
N ALA E 61 17.54 5.19 12.87
CA ALA E 61 18.43 4.11 13.29
C ALA E 61 19.35 4.59 14.40
N ALA E 62 19.94 5.78 14.22
CA ALA E 62 20.84 6.36 15.23
C ALA E 62 20.14 6.60 16.56
N GLU E 63 18.90 7.11 16.53
CA GLU E 63 18.12 7.32 17.76
C GLU E 63 17.91 6.00 18.49
N ILE E 64 17.51 4.96 17.77
CA ILE E 64 17.22 3.68 18.39
C ILE E 64 18.49 3.05 18.97
N LEU E 65 19.58 3.11 18.22
CA LEU E 65 20.86 2.62 18.69
C LEU E 65 21.35 3.34 19.95
N GLU E 66 21.09 4.64 20.03
CA GLU E 66 21.56 5.39 21.19
C GLU E 66 20.86 4.88 22.43
N LEU E 67 19.55 4.73 22.32
CA LEU E 67 18.75 4.27 23.44
C LEU E 67 18.99 2.79 23.76
N ALA E 68 19.12 1.96 22.72
CA ALA E 68 19.45 0.55 22.92
C ALA E 68 20.81 0.38 23.58
N GLY E 69 21.78 1.17 23.17
CA GLY E 69 23.11 1.15 23.78
C GLY E 69 23.09 1.62 25.22
N ASN E 70 22.29 2.64 25.50
CA ASN E 70 22.04 3.08 26.86
C ASN E 70 21.49 1.94 27.71
N ALA E 71 20.47 1.26 27.19
CA ALA E 71 19.87 0.13 27.90
C ALA E 71 20.91 -0.94 28.20
N ALA E 72 21.84 -1.14 27.27
CA ALA E 72 22.88 -2.16 27.43
C ALA E 72 23.87 -1.77 28.52
N ARG E 73 24.28 -0.51 28.55
CA ARG E 73 25.26 -0.07 29.54
C ARG E 73 24.66 -0.12 30.95
N ASP E 74 23.38 0.19 31.06
CA ASP E 74 22.71 0.15 32.35
C ASP E 74 22.54 -1.29 32.83
N ASN E 75 22.56 -2.21 31.88
CA ASN E 75 22.39 -3.63 32.16
C ASN E 75 23.77 -4.30 32.29
N LYS E 76 24.80 -3.48 32.37
CA LYS E 76 26.19 -3.94 32.50
C LYS E 76 26.64 -4.79 31.33
N LYS E 77 26.10 -4.52 30.14
CA LYS E 77 26.46 -5.28 28.94
C LYS E 77 27.14 -4.39 27.89
N THR E 78 27.96 -5.00 27.06
CA THR E 78 28.66 -4.27 26.00
C THR E 78 28.19 -4.69 24.62
N ARG E 79 27.18 -5.55 24.58
CA ARG E 79 26.63 -6.01 23.31
C ARG E 79 25.12 -5.91 23.40
N ILE E 80 24.54 -5.23 22.42
CA ILE E 80 23.10 -5.06 22.37
C ILE E 80 22.38 -6.36 22.00
N ILE E 81 21.53 -6.82 22.91
CA ILE E 81 20.70 -8.00 22.70
C ILE E 81 19.24 -7.57 22.60
N PRO E 82 18.38 -8.42 21.99
CA PRO E 82 17.00 -8.00 21.73
C PRO E 82 16.25 -7.36 22.90
N ARG E 83 16.47 -7.77 24.15
CA ARG E 83 15.71 -7.14 25.22
C ARG E 83 16.22 -5.73 25.53
N HIS E 84 17.45 -5.43 25.13
CA HIS E 84 17.92 -4.04 25.22
C HIS E 84 17.15 -3.16 24.23
N LEU E 85 16.96 -3.69 23.03
CA LEU E 85 16.19 -3.02 21.97
C LEU E 85 14.74 -2.79 22.39
N GLN E 86 14.12 -3.87 22.86
CA GLN E 86 12.77 -3.86 23.37
C GLN E 86 12.59 -2.81 24.47
N LEU E 87 13.50 -2.80 25.44
CA LEU E 87 13.42 -1.87 26.55
C LEU E 87 13.56 -0.42 26.10
N ALA E 88 14.49 -0.18 25.19
CA ALA E 88 14.77 1.18 24.70
C ALA E 88 13.53 1.79 24.05
N ILE E 89 12.84 0.98 23.26
CA ILE E 89 11.69 1.46 22.52
C ILE E 89 10.50 1.68 23.44
N ARG E 90 10.26 0.70 24.31
CA ARG E 90 9.18 0.79 25.27
C ARG E 90 9.28 2.04 26.15
N ASN E 91 10.48 2.34 26.63
CA ASN E 91 10.67 3.42 27.60
C ASN E 91 10.74 4.80 26.97
N ASP E 92 10.81 4.85 25.64
CA ASP E 92 10.79 6.13 24.93
C ASP E 92 9.41 6.37 24.34
N ASP E 93 8.73 7.40 24.84
CA ASP E 93 7.37 7.73 24.39
C ASP E 93 7.28 7.79 22.87
N GLU E 94 8.19 8.52 22.23
CA GLU E 94 8.05 8.72 20.79
C GLU E 94 8.36 7.44 19.99
N LEU E 95 9.44 6.73 20.34
CA LEU E 95 9.75 5.48 19.64
C LEU E 95 8.70 4.43 19.92
N ASN E 96 8.17 4.41 21.14
CA ASN E 96 7.10 3.47 21.47
C ASN E 96 5.87 3.69 20.58
N LYS E 97 5.49 4.95 20.39
CA LYS E 97 4.35 5.27 19.54
C LYS E 97 4.62 4.88 18.10
N LEU E 98 5.85 5.11 17.66
CA LEU E 98 6.23 4.81 16.28
C LEU E 98 6.34 3.32 16.01
N LEU E 99 7.00 2.59 16.91
CA LEU E 99 7.34 1.18 16.66
C LEU E 99 6.75 0.15 17.62
N GLY E 100 6.11 0.60 18.71
CA GLY E 100 5.74 -0.26 19.81
C GLY E 100 4.99 -1.53 19.45
N MET F 1 23.35 -16.61 -10.55
CA MET F 1 22.12 -16.00 -10.06
C MET F 1 21.74 -16.50 -8.67
N LYS F 2 21.10 -15.63 -7.89
CA LYS F 2 20.64 -16.02 -6.56
C LYS F 2 19.42 -16.92 -6.65
N LYS F 3 19.47 -18.05 -5.97
CA LYS F 3 18.34 -18.96 -5.88
C LYS F 3 17.60 -18.78 -4.57
N ARG F 4 16.39 -19.31 -4.51
CA ARG F 4 15.54 -19.18 -3.34
C ARG F 4 16.20 -19.80 -2.12
N SER F 5 17.15 -20.70 -2.37
CA SER F 5 17.86 -21.42 -1.32
C SER F 5 18.91 -20.57 -0.60
N LYS F 6 19.20 -19.41 -1.14
CA LYS F 6 20.12 -18.47 -0.49
C LYS F 6 19.32 -17.45 0.30
N ALA F 7 19.87 -17.02 1.43
CA ALA F 7 19.21 -16.04 2.28
C ALA F 7 19.32 -14.63 1.70
N ARG F 8 18.22 -13.88 1.74
CA ARG F 8 18.22 -12.49 1.30
C ARG F 8 19.04 -11.62 2.23
N LYS F 9 19.94 -10.83 1.65
CA LYS F 9 20.77 -9.91 2.42
C LYS F 9 19.91 -8.86 3.12
N GLU F 10 20.29 -8.48 4.35
CA GLU F 10 19.63 -7.40 5.06
C GLU F 10 20.10 -6.05 4.51
N THR F 11 19.17 -5.25 4.02
CA THR F 11 19.49 -4.02 3.29
C THR F 11 20.37 -3.03 4.05
N TYR F 12 20.09 -2.84 5.34
CA TYR F 12 20.73 -1.76 6.11
C TYR F 12 21.80 -2.21 7.10
N SER F 13 21.91 -3.52 7.29
CA SER F 13 22.81 -4.08 8.31
C SER F 13 24.20 -3.47 8.43
N SER F 14 24.93 -3.39 7.32
CA SER F 14 26.31 -2.91 7.39
C SER F 14 26.34 -1.43 7.76
N TYR F 15 25.35 -0.69 7.29
CA TYR F 15 25.28 0.74 7.56
C TYR F 15 24.86 0.98 9.01
N ILE F 16 23.95 0.16 9.50
CA ILE F 16 23.55 0.20 10.90
C ILE F 16 24.76 -0.01 11.82
N TYR F 17 25.62 -0.95 11.45
CA TYR F 17 26.85 -1.20 12.20
C TYR F 17 27.72 0.06 12.26
N LYS F 18 27.86 0.74 11.14
CA LYS F 18 28.65 1.96 11.07
C LYS F 18 28.09 3.05 11.97
N VAL F 19 26.76 3.19 11.97
CA VAL F 19 26.12 4.21 12.79
C VAL F 19 26.29 3.90 14.28
N LEU F 20 26.18 2.61 14.65
CA LEU F 20 26.42 2.21 16.03
C LEU F 20 27.81 2.65 16.50
N LYS F 21 28.79 2.48 15.63
CA LYS F 21 30.16 2.84 15.96
C LYS F 21 30.31 4.34 16.24
N GLN F 22 29.57 5.15 15.49
CA GLN F 22 29.53 6.60 15.72
C GLN F 22 28.82 6.96 17.03
N THR F 23 27.84 6.15 17.39
CA THR F 23 26.99 6.43 18.56
C THR F 23 27.61 5.88 19.85
N HIS F 24 27.82 4.56 19.89
CA HIS F 24 28.39 3.88 21.05
C HIS F 24 29.59 3.05 20.62
N PRO F 25 30.78 3.67 20.54
CA PRO F 25 31.94 3.06 19.86
C PRO F 25 32.42 1.75 20.49
N ASP F 26 32.13 1.54 21.76
CA ASP F 26 32.60 0.35 22.47
C ASP F 26 31.51 -0.71 22.63
N THR F 27 30.37 -0.50 22.00
CA THR F 27 29.22 -1.37 22.16
C THR F 27 28.93 -2.12 20.86
N GLY F 28 28.74 -3.42 20.97
CA GLY F 28 28.40 -4.22 19.80
C GLY F 28 26.91 -4.46 19.71
N ILE F 29 26.49 -5.22 18.71
CA ILE F 29 25.09 -5.58 18.55
C ILE F 29 24.95 -7.03 18.07
N SER F 30 24.06 -7.78 18.70
CA SER F 30 23.88 -9.20 18.32
C SER F 30 23.18 -9.34 16.96
N GLN F 31 23.41 -10.47 16.30
CA GLN F 31 22.83 -10.73 14.99
C GLN F 31 21.31 -10.60 14.99
N LYS F 32 20.67 -11.09 16.05
CA LYS F 32 19.21 -11.02 16.16
C LYS F 32 18.74 -9.59 16.39
N SER F 33 19.49 -8.83 17.20
CA SER F 33 19.16 -7.42 17.40
C SER F 33 19.26 -6.67 16.08
N MET F 34 20.30 -7.00 15.31
CA MET F 34 20.53 -6.35 14.05
C MET F 34 19.37 -6.65 13.09
N SER F 35 18.91 -7.89 13.08
CA SER F 35 17.78 -8.27 12.24
C SER F 35 16.51 -7.52 12.61
N ILE F 36 16.32 -7.31 13.92
CA ILE F 36 15.16 -6.56 14.41
C ILE F 36 15.23 -5.10 13.98
N LEU F 37 16.39 -4.50 14.15
CA LEU F 37 16.61 -3.11 13.76
C LEU F 37 16.45 -2.92 12.26
N ASN F 38 17.04 -3.81 11.48
CA ASN F 38 16.88 -3.77 10.03
C ASN F 38 15.39 -3.79 9.63
N SER F 39 14.63 -4.66 10.27
CA SER F 39 13.19 -4.73 10.05
C SER F 39 12.48 -3.43 10.39
N PHE F 40 12.87 -2.77 11.47
CA PHE F 40 12.27 -1.47 11.82
C PHE F 40 12.50 -0.48 10.70
N VAL F 41 13.73 -0.49 10.15
CA VAL F 41 14.06 0.46 9.11
C VAL F 41 13.22 0.16 7.86
N ASN F 42 13.08 -1.12 7.54
CA ASN F 42 12.23 -1.50 6.41
C ASN F 42 10.78 -1.04 6.59
N ASP F 43 10.26 -1.21 7.80
N ASP F 43 10.27 -1.21 7.80
CA ASP F 43 8.89 -0.83 8.12
CA ASP F 43 8.90 -0.84 8.14
C ASP F 43 8.69 0.67 7.94
C ASP F 43 8.68 0.66 7.97
N ILE F 44 9.62 1.46 8.49
CA ILE F 44 9.50 2.92 8.39
C ILE F 44 9.67 3.38 6.95
N PHE F 45 10.63 2.78 6.23
CA PHE F 45 10.76 3.05 4.79
C PHE F 45 9.39 2.91 4.14
N GLU F 46 8.75 1.79 4.42
CA GLU F 46 7.50 1.47 3.73
C GLU F 46 6.38 2.44 4.12
N ARG F 47 6.30 2.78 5.41
CA ARG F 47 5.25 3.70 5.82
C ARG F 47 5.43 5.10 5.24
N ILE F 48 6.67 5.57 5.13
CA ILE F 48 6.93 6.89 4.57
C ILE F 48 6.68 6.91 3.06
N ALA F 49 7.19 5.89 2.36
CA ALA F 49 7.02 5.84 0.91
C ALA F 49 5.54 5.71 0.54
N THR F 50 4.80 4.97 1.34
CA THR F 50 3.38 4.80 1.08
C THR F 50 2.64 6.11 1.29
N GLU F 51 2.93 6.81 2.39
CA GLU F 51 2.28 8.10 2.62
C GLU F 51 2.68 9.12 1.54
N ALA F 52 3.96 9.13 1.15
CA ALA F 52 4.41 10.06 0.09
C ALA F 52 3.69 9.75 -1.22
N SER F 53 3.50 8.47 -1.49
CA SER F 53 2.76 8.05 -2.68
C SER F 53 1.35 8.63 -2.69
N LYS F 54 0.66 8.51 -1.57
CA LYS F 54 -0.70 9.01 -1.50
C LYS F 54 -0.71 10.54 -1.58
N LEU F 55 0.28 11.19 -0.98
CA LEU F 55 0.35 12.65 -1.04
C LEU F 55 0.59 13.16 -2.46
N ALA F 56 1.48 12.50 -3.19
CA ALA F 56 1.73 12.85 -4.59
C ALA F 56 0.45 12.70 -5.40
N ALA F 57 -0.24 11.58 -5.24
CA ALA F 57 -1.48 11.33 -5.98
C ALA F 57 -2.53 12.39 -5.63
N TYR F 58 -2.70 12.63 -4.32
CA TYR F 58 -3.67 13.59 -3.80
C TYR F 58 -3.45 14.98 -4.39
N ASN F 59 -2.19 15.36 -4.52
CA ASN F 59 -1.87 16.68 -5.02
C ASN F 59 -1.60 16.72 -6.52
N LYS F 60 -2.04 15.68 -7.22
CA LYS F 60 -1.99 15.62 -8.68
C LYS F 60 -0.57 15.80 -9.21
N LYS F 61 0.36 15.10 -8.57
CA LYS F 61 1.75 15.06 -8.96
C LYS F 61 2.11 13.64 -9.41
N SER F 62 2.92 13.53 -10.47
CA SER F 62 3.36 12.23 -10.96
C SER F 62 4.68 11.82 -10.34
N THR F 63 5.30 12.74 -9.62
CA THR F 63 6.62 12.54 -9.05
C THR F 63 6.59 12.62 -7.52
N ILE F 64 7.30 11.72 -6.86
CA ILE F 64 7.59 11.90 -5.44
C ILE F 64 8.90 12.69 -5.29
N SER F 65 8.78 13.90 -4.78
CA SER F 65 9.95 14.74 -4.54
C SER F 65 10.28 14.77 -3.06
N ALA F 66 11.37 15.45 -2.71
CA ALA F 66 11.73 15.65 -1.30
C ALA F 66 10.60 16.32 -0.53
N ARG F 67 9.80 17.14 -1.21
CA ARG F 67 8.70 17.83 -0.56
C ARG F 67 7.64 16.85 -0.06
N GLU F 68 7.32 15.86 -0.88
CA GLU F 68 6.39 14.82 -0.45
C GLU F 68 7.00 13.95 0.64
N ILE F 69 8.30 13.69 0.59
CA ILE F 69 8.93 12.89 1.65
C ILE F 69 8.86 13.64 2.98
N GLN F 70 9.17 14.93 2.96
CA GLN F 70 9.15 15.74 4.17
C GLN F 70 7.79 15.71 4.84
N THR F 71 6.75 16.02 4.08
CA THR F 71 5.40 16.01 4.62
C THR F 71 4.98 14.62 5.09
N ALA F 72 5.31 13.57 4.33
CA ALA F 72 5.01 12.20 4.80
C ALA F 72 5.74 11.91 6.11
N VAL F 73 6.98 12.36 6.21
CA VAL F 73 7.74 12.17 7.45
C VAL F 73 7.00 12.84 8.61
N ARG F 74 6.53 14.07 8.39
CA ARG F 74 5.82 14.78 9.45
C ARG F 74 4.50 14.12 9.81
N LEU F 75 3.91 13.40 8.87
CA LEU F 75 2.66 12.70 9.13
C LEU F 75 2.85 11.37 9.87
N ILE F 76 4.03 10.76 9.71
CA ILE F 76 4.29 9.43 10.25
C ILE F 76 4.99 9.46 11.62
N LEU F 77 5.98 10.35 11.75
CA LEU F 77 6.80 10.41 12.95
C LEU F 77 6.22 11.37 13.98
N PRO F 78 6.27 10.98 15.26
CA PRO F 78 5.72 11.86 16.30
C PRO F 78 6.70 12.95 16.77
N GLY F 79 6.13 14.01 17.33
CA GLY F 79 6.87 15.04 18.04
C GLY F 79 8.28 15.40 17.64
N GLU F 80 9.22 15.14 18.55
CA GLU F 80 10.59 15.57 18.40
C GLU F 80 11.34 14.74 17.36
N LEU F 81 10.92 13.48 17.19
CA LEU F 81 11.49 12.64 16.15
C LEU F 81 11.30 13.31 14.80
N ALA F 82 10.08 13.77 14.55
CA ALA F 82 9.75 14.43 13.28
C ALA F 82 10.59 15.70 13.08
N LYS F 83 10.71 16.51 14.13
CA LYS F 83 11.48 17.76 14.04
C LYS F 83 12.91 17.49 13.62
N HIS F 84 13.54 16.53 14.29
CA HIS F 84 14.92 16.24 14.02
C HIS F 84 15.09 15.56 12.67
N ALA F 85 14.16 14.65 12.34
CA ALA F 85 14.22 13.98 11.05
C ALA F 85 14.13 14.98 9.90
N VAL F 86 13.18 15.91 10.00
CA VAL F 86 13.01 16.96 9.00
C VAL F 86 14.29 17.77 8.86
N SER F 87 14.89 18.09 10.00
CA SER F 87 16.12 18.87 10.01
C SER F 87 17.23 18.11 9.29
N GLU F 88 17.38 16.82 9.60
CA GLU F 88 18.40 16.00 8.97
C GLU F 88 18.15 15.82 7.48
N GLY F 89 16.89 15.62 7.10
CA GLY F 89 16.55 15.41 5.70
C GLY F 89 16.86 16.67 4.90
N THR F 90 16.43 17.81 5.44
CA THR F 90 16.63 19.12 4.82
C THR F 90 18.14 19.39 4.68
N ARG F 91 18.88 19.16 5.77
CA ARG F 91 20.34 19.32 5.77
C ARG F 91 21.00 18.50 4.67
N ALA F 92 20.62 17.23 4.55
CA ALA F 92 21.25 16.33 3.57
C ALA F 92 20.93 16.74 2.13
N VAL F 93 19.69 17.13 1.86
CA VAL F 93 19.32 17.56 0.51
C VAL F 93 20.07 18.85 0.17
N THR F 94 20.21 19.74 1.15
CA THR F 94 20.94 21.00 0.94
C THR F 94 22.40 20.72 0.61
N LYS F 95 23.03 19.85 1.40
CA LYS F 95 24.42 19.47 1.18
C LYS F 95 24.63 18.72 -0.14
N TYR F 96 23.65 17.89 -0.49
CA TYR F 96 23.68 17.15 -1.74
C TYR F 96 23.57 18.10 -2.94
N SER F 97 22.78 19.16 -2.76
CA SER F 97 22.57 20.15 -3.81
C SER F 97 23.83 20.97 -4.11
N SER F 98 24.87 20.77 -3.30
CA SER F 98 26.14 21.44 -3.50
C SER F 98 27.05 20.65 -4.44
N SER G 18 -27.45 28.71 0.24
CA SER G 18 -26.55 28.96 1.36
C SER G 18 -25.37 27.98 1.35
N ARG G 19 -24.18 28.47 1.68
CA ARG G 19 -22.98 27.64 1.63
C ARG G 19 -22.97 26.56 2.70
N SER G 20 -23.36 26.92 3.92
CA SER G 20 -23.35 25.98 5.03
C SER G 20 -24.39 24.88 4.86
N ALA G 21 -25.56 25.27 4.36
CA ALA G 21 -26.63 24.32 4.11
C ALA G 21 -26.27 23.40 2.95
N LYS G 22 -25.60 23.93 1.94
CA LYS G 22 -25.21 23.13 0.78
C LYS G 22 -24.16 22.09 1.18
N ALA G 23 -23.28 22.47 2.10
CA ALA G 23 -22.26 21.56 2.62
C ALA G 23 -22.84 20.56 3.64
N GLY G 24 -24.06 20.82 4.10
CA GLY G 24 -24.67 20.01 5.14
C GLY G 24 -24.20 20.43 6.53
N LEU G 25 -23.82 21.69 6.67
CA LEU G 25 -23.20 22.17 7.90
C LEU G 25 -24.07 23.14 8.71
N THR G 26 -23.74 23.25 9.99
CA THR G 26 -24.40 24.19 10.89
C THR G 26 -23.52 25.40 11.14
N PHE G 27 -22.21 25.19 11.19
CA PHE G 27 -21.25 26.28 11.29
C PHE G 27 -21.23 27.08 9.98
N PRO G 28 -20.85 28.38 10.04
CA PRO G 28 -20.95 29.27 8.89
C PRO G 28 -19.74 29.25 7.94
N VAL G 29 -19.92 28.65 6.77
CA VAL G 29 -18.87 28.58 5.76
C VAL G 29 -18.39 29.97 5.33
N GLY G 30 -19.33 30.86 5.04
CA GLY G 30 -19.00 32.21 4.60
C GLY G 30 -18.14 32.97 5.59
N ARG G 31 -18.48 32.85 6.87
CA ARG G 31 -17.72 33.50 7.94
C ARG G 31 -16.30 32.95 8.06
N VAL G 32 -16.16 31.65 7.82
CA VAL G 32 -14.85 31.01 7.86
C VAL G 32 -14.03 31.42 6.64
N HIS G 33 -14.70 31.56 5.51
CA HIS G 33 -14.05 31.97 4.27
C HIS G 33 -13.49 33.40 4.40
N ARG G 34 -14.30 34.29 4.96
CA ARG G 34 -13.87 35.67 5.19
C ARG G 34 -12.63 35.73 6.08
N LEU G 35 -12.66 34.94 7.15
CA LEU G 35 -11.57 34.91 8.11
C LEU G 35 -10.28 34.42 7.46
N LEU G 36 -10.42 33.44 6.56
CA LEU G 36 -9.27 32.92 5.82
C LEU G 36 -8.70 33.96 4.86
N ARG G 37 -9.58 34.63 4.13
CA ARG G 37 -9.18 35.66 3.18
C ARG G 37 -8.46 36.84 3.83
N ARG G 38 -9.00 37.34 4.94
CA ARG G 38 -8.42 38.51 5.59
C ARG G 38 -7.35 38.12 6.60
N GLY G 39 -7.04 36.83 6.70
CA GLY G 39 -6.05 36.36 7.64
C GLY G 39 -4.64 36.36 7.09
N ASN G 40 -4.52 36.70 5.81
CA ASN G 40 -3.23 36.77 5.13
C ASN G 40 -2.48 35.44 5.16
N TYR G 41 -3.16 34.37 4.78
CA TYR G 41 -2.58 33.03 4.78
C TYR G 41 -2.04 32.62 3.41
N ALA G 42 -2.72 33.08 2.36
CA ALA G 42 -2.27 32.86 1.00
C ALA G 42 -2.90 33.92 0.11
N GLN G 43 -2.49 33.99 -1.15
CA GLN G 43 -3.01 35.01 -2.05
C GLN G 43 -4.44 34.70 -2.46
N ARG G 44 -4.75 33.40 -2.53
CA ARG G 44 -6.08 32.94 -2.89
C ARG G 44 -6.55 31.84 -1.95
N ILE G 45 -7.85 31.80 -1.70
CA ILE G 45 -8.46 30.72 -0.96
C ILE G 45 -9.47 30.01 -1.85
N GLY G 46 -9.21 28.74 -2.15
CA GLY G 46 -10.12 27.92 -2.94
C GLY G 46 -11.47 27.82 -2.25
N SER G 47 -12.53 27.62 -3.04
CA SER G 47 -13.89 27.58 -2.51
C SER G 47 -14.14 26.32 -1.67
N GLY G 48 -13.32 25.29 -1.87
CA GLY G 48 -13.42 24.07 -1.08
C GLY G 48 -12.81 24.19 0.31
N ALA G 49 -11.80 25.05 0.43
CA ALA G 49 -11.07 25.21 1.69
C ALA G 49 -11.95 25.65 2.88
N PRO G 50 -12.81 26.68 2.73
CA PRO G 50 -13.58 27.02 3.93
C PRO G 50 -14.66 25.99 4.23
N VAL G 51 -15.15 25.30 3.21
CA VAL G 51 -16.13 24.24 3.43
C VAL G 51 -15.52 23.12 4.28
N TYR G 52 -14.31 22.71 3.91
CA TYR G 52 -13.62 21.66 4.62
C TYR G 52 -13.36 22.06 6.08
N LEU G 53 -12.77 23.24 6.25
CA LEU G 53 -12.37 23.73 7.57
C LEU G 53 -13.57 23.96 8.49
N THR G 54 -14.66 24.46 7.92
CA THR G 54 -15.88 24.67 8.70
C THR G 54 -16.38 23.33 9.24
N ALA G 55 -16.36 22.32 8.38
CA ALA G 55 -16.76 20.97 8.78
C ALA G 55 -15.89 20.45 9.92
N VAL G 56 -14.60 20.73 9.88
CA VAL G 56 -13.68 20.24 10.90
C VAL G 56 -13.91 20.96 12.23
N LEU G 57 -14.14 22.27 12.16
CA LEU G 57 -14.42 23.04 13.36
C LEU G 57 -15.74 22.57 13.98
N GLU G 58 -16.76 22.42 13.14
CA GLU G 58 -18.05 21.93 13.61
C GLU G 58 -17.93 20.56 14.25
N TYR G 59 -17.19 19.66 13.59
CA TYR G 59 -16.98 18.32 14.11
C TYR G 59 -16.34 18.34 15.50
N LEU G 60 -15.31 19.15 15.67
CA LEU G 60 -14.60 19.23 16.94
C LEU G 60 -15.50 19.85 17.99
N ALA G 61 -16.27 20.86 17.60
CA ALA G 61 -17.23 21.47 18.51
C ALA G 61 -18.22 20.40 18.98
N ALA G 62 -18.73 19.61 18.03
CA ALA G 62 -19.69 18.54 18.32
C ALA G 62 -19.14 17.52 19.31
N GLU G 63 -17.92 17.05 19.08
CA GLU G 63 -17.27 16.14 20.02
C GLU G 63 -17.17 16.75 21.41
N ILE G 64 -16.66 17.97 21.49
CA ILE G 64 -16.52 18.63 22.79
C ILE G 64 -17.88 18.81 23.45
N LEU G 65 -18.88 19.25 22.68
CA LEU G 65 -20.17 19.56 23.29
C LEU G 65 -20.88 18.31 23.80
N GLU G 66 -20.76 17.20 23.08
CA GLU G 66 -21.37 15.95 23.53
C GLU G 66 -20.75 15.48 24.84
N LEU G 67 -19.43 15.52 24.91
CA LEU G 67 -18.73 15.05 26.10
C LEU G 67 -19.01 15.95 27.29
N ALA G 68 -19.21 17.23 27.02
CA ALA G 68 -19.47 18.21 28.06
C ALA G 68 -20.89 18.06 28.61
N GLY G 69 -21.85 17.87 27.69
CA GLY G 69 -23.23 17.66 28.05
C GLY G 69 -23.41 16.38 28.85
N ASN G 70 -22.71 15.33 28.46
CA ASN G 70 -22.73 14.07 29.18
C ASN G 70 -22.20 14.20 30.61
N ALA G 71 -21.18 15.04 30.77
CA ALA G 71 -20.58 15.28 32.08
C ALA G 71 -21.50 16.16 32.93
N ALA G 72 -22.20 17.07 32.28
CA ALA G 72 -23.14 17.95 32.96
C ALA G 72 -24.33 17.15 33.51
N ARG G 73 -24.72 16.11 32.78
CA ARG G 73 -25.82 15.26 33.22
C ARG G 73 -25.31 14.09 34.05
N ASP G 74 -24.05 14.16 34.48
CA ASP G 74 -23.48 13.12 35.33
C ASP G 74 -23.05 13.69 36.68
N ASN G 75 -23.30 14.98 36.88
CA ASN G 75 -23.30 15.56 38.23
C ASN G 75 -24.57 16.39 38.36
N LYS G 76 -25.51 16.12 37.47
CA LYS G 76 -26.84 16.72 37.47
C LYS G 76 -26.80 18.24 37.42
N LYS G 77 -26.69 18.78 36.21
CA LYS G 77 -26.71 20.23 36.01
C LYS G 77 -27.52 20.56 34.77
N THR G 78 -28.25 21.68 34.83
CA THR G 78 -29.07 22.12 33.72
C THR G 78 -28.19 22.62 32.58
N ARG G 79 -27.12 23.31 32.96
CA ARG G 79 -26.25 23.94 31.98
C ARG G 79 -24.81 23.44 32.10
N ILE G 80 -24.02 23.71 31.07
CA ILE G 80 -22.60 23.38 31.08
C ILE G 80 -21.80 24.55 31.65
N ILE G 81 -20.98 24.25 32.65
CA ILE G 81 -20.10 25.25 33.27
C ILE G 81 -18.65 24.84 33.04
N PRO G 82 -17.71 25.80 33.09
CA PRO G 82 -16.30 25.54 32.78
C PRO G 82 -15.71 24.26 33.38
N ARG G 83 -16.22 23.82 34.53
CA ARG G 83 -15.74 22.56 35.10
C ARG G 83 -16.09 21.37 34.21
N HIS G 84 -17.24 21.45 33.54
CA HIS G 84 -17.70 20.37 32.67
C HIS G 84 -16.83 20.30 31.42
N LEU G 85 -16.57 21.46 30.84
CA LEU G 85 -15.71 21.57 29.67
C LEU G 85 -14.34 20.98 29.95
N GLN G 86 -13.72 21.42 31.04
CA GLN G 86 -12.35 21.02 31.33
C GLN G 86 -12.28 19.56 31.80
N LEU G 87 -13.39 19.02 32.26
CA LEU G 87 -13.43 17.61 32.67
C LEU G 87 -13.57 16.70 31.46
N ALA G 88 -14.43 17.09 30.52
CA ALA G 88 -14.67 16.31 29.32
C ALA G 88 -13.42 16.25 28.44
N ILE G 89 -12.61 17.30 28.52
CA ILE G 89 -11.41 17.42 27.70
C ILE G 89 -10.23 16.64 28.28
N ARG G 90 -9.97 16.80 29.58
CA ARG G 90 -8.84 16.12 30.22
C ARG G 90 -9.05 14.61 30.31
N ASN G 91 -10.32 14.18 30.30
CA ASN G 91 -10.62 12.76 30.38
C ASN G 91 -10.61 12.10 29.01
N ASP G 92 -10.53 12.90 27.96
CA ASP G 92 -10.46 12.36 26.60
C ASP G 92 -9.02 12.41 26.11
N ASP G 93 -8.42 11.25 25.86
CA ASP G 93 -7.01 11.17 25.49
C ASP G 93 -6.65 12.12 24.35
N GLU G 94 -7.46 12.12 23.29
CA GLU G 94 -7.15 12.89 22.09
C GLU G 94 -7.50 14.38 22.26
N LEU G 95 -8.62 14.70 22.89
CA LEU G 95 -8.95 16.11 23.09
C LEU G 95 -7.95 16.71 24.08
N ASN G 96 -7.47 15.90 25.02
CA ASN G 96 -6.44 16.33 25.96
C ASN G 96 -5.16 16.74 25.23
N LYS G 97 -4.73 15.90 24.30
CA LYS G 97 -3.57 16.20 23.46
C LYS G 97 -3.78 17.48 22.67
N LEU G 98 -4.94 17.57 22.01
CA LEU G 98 -5.26 18.70 21.14
C LEU G 98 -5.33 20.04 21.88
N LEU G 99 -6.00 20.05 23.03
CA LEU G 99 -6.33 21.30 23.72
C LEU G 99 -5.72 21.43 25.12
N MET H 1 -9.89 43.63 23.45
CA MET H 1 -10.33 44.98 23.14
C MET H 1 -10.48 45.19 21.64
N LYS H 2 -11.59 45.82 21.24
CA LYS H 2 -11.81 46.17 19.84
C LYS H 2 -10.86 47.30 19.44
N LYS H 3 -10.29 47.18 18.25
CA LYS H 3 -9.37 48.18 17.73
C LYS H 3 -9.92 48.74 16.42
N ARG H 4 -9.31 49.81 15.93
CA ARG H 4 -9.65 50.33 14.60
C ARG H 4 -9.22 49.32 13.55
N SER H 5 -10.03 48.28 13.41
CA SER H 5 -9.70 47.10 12.61
C SER H 5 -11.07 46.47 12.25
N LYS H 6 -11.21 45.52 11.31
CA LYS H 6 -10.27 44.53 10.77
C LYS H 6 -9.88 43.58 11.91
N ALA H 7 -10.77 43.50 12.90
CA ALA H 7 -10.56 42.67 14.08
C ALA H 7 -11.82 41.94 14.49
N ARG H 8 -12.79 42.69 15.01
CA ARG H 8 -13.96 42.12 15.70
C ARG H 8 -13.43 41.16 16.76
N LYS H 9 -14.10 40.03 16.93
CA LYS H 9 -13.59 38.92 17.75
C LYS H 9 -14.46 37.69 17.54
N GLU H 10 -14.22 37.02 16.42
CA GLU H 10 -14.87 35.76 16.00
C GLU H 10 -15.61 34.96 17.09
N THR H 11 -16.94 34.97 17.04
CA THR H 11 -17.75 34.14 17.94
C THR H 11 -18.65 33.22 17.13
N TYR H 12 -18.88 32.02 17.64
CA TYR H 12 -19.69 31.03 16.94
C TYR H 12 -20.87 30.62 17.80
N SER H 13 -21.16 31.44 18.82
CA SER H 13 -22.11 31.13 19.88
C SER H 13 -23.42 30.51 19.41
N SER H 14 -24.07 31.15 18.44
CA SER H 14 -25.35 30.66 17.92
C SER H 14 -25.27 29.21 17.42
N TYR H 15 -24.23 28.92 16.65
CA TYR H 15 -24.07 27.60 16.06
C TYR H 15 -23.64 26.56 17.10
N ILE H 16 -22.84 27.00 18.07
CA ILE H 16 -22.48 26.14 19.19
C ILE H 16 -23.71 25.68 19.95
N TYR H 17 -24.66 26.59 20.17
CA TYR H 17 -25.93 26.22 20.79
C TYR H 17 -26.70 25.25 19.89
N LYS H 18 -26.75 25.59 18.60
CA LYS H 18 -27.46 24.77 17.61
C LYS H 18 -26.90 23.34 17.58
N VAL H 19 -25.57 23.22 17.60
CA VAL H 19 -24.93 21.91 17.59
C VAL H 19 -25.25 21.16 18.89
N LEU H 20 -25.14 21.88 20.01
CA LEU H 20 -25.42 21.29 21.31
C LEU H 20 -26.82 20.70 21.40
N LYS H 21 -27.80 21.42 20.86
CA LYS H 21 -29.19 20.97 20.92
C LYS H 21 -29.39 19.60 20.23
N GLN H 22 -28.53 19.29 19.27
CA GLN H 22 -28.63 18.03 18.56
C GLN H 22 -28.40 16.81 19.46
N THR H 23 -27.54 16.96 20.46
CA THR H 23 -27.24 15.86 21.37
C THR H 23 -27.88 16.07 22.73
N HIS H 24 -27.79 17.30 23.23
CA HIS H 24 -28.37 17.64 24.51
C HIS H 24 -29.34 18.82 24.41
N PRO H 25 -30.58 18.55 23.96
CA PRO H 25 -31.56 19.63 24.03
C PRO H 25 -31.89 19.93 25.49
N ASP H 26 -32.32 21.16 25.77
CA ASP H 26 -32.65 21.59 27.13
C ASP H 26 -31.44 21.59 28.06
N THR H 27 -30.25 21.58 27.46
CA THR H 27 -29.02 21.76 28.22
C THR H 27 -28.42 23.11 27.87
N GLY H 28 -28.03 23.88 28.87
CA GLY H 28 -27.54 25.22 28.63
C GLY H 28 -26.02 25.29 28.61
N ILE H 29 -25.50 26.46 28.23
CA ILE H 29 -24.07 26.70 28.27
C ILE H 29 -23.79 27.97 29.05
N SER H 30 -22.91 27.86 30.05
CA SER H 30 -22.44 29.02 30.78
C SER H 30 -21.79 30.01 29.82
N GLN H 31 -21.95 31.30 30.12
CA GLN H 31 -21.35 32.35 29.31
C GLN H 31 -19.82 32.26 29.40
N LYS H 32 -19.33 31.79 30.53
CA LYS H 32 -17.91 31.53 30.72
C LYS H 32 -17.48 30.32 29.90
N SER H 33 -18.42 29.41 29.69
CA SER H 33 -18.17 28.22 28.87
C SER H 33 -18.23 28.58 27.39
N MET H 34 -19.20 29.41 27.01
CA MET H 34 -19.32 29.84 25.62
C MET H 34 -18.06 30.58 25.20
N SER H 35 -17.50 31.35 26.12
CA SER H 35 -16.23 32.03 25.86
C SER H 35 -15.09 31.04 25.67
N ILE H 36 -15.05 30.01 26.52
CA ILE H 36 -14.04 28.97 26.38
C ILE H 36 -14.18 28.27 25.03
N LEU H 37 -15.42 27.88 24.70
CA LEU H 37 -15.69 27.14 23.47
C LEU H 37 -15.29 27.95 22.24
N ASN H 38 -15.64 29.24 22.25
CA ASN H 38 -15.28 30.13 21.17
C ASN H 38 -13.78 30.27 21.04
N SER H 39 -13.08 30.28 22.17
CA SER H 39 -11.62 30.36 22.16
C SER H 39 -11.04 29.08 21.56
N PHE H 40 -11.71 27.95 21.81
CA PHE H 40 -11.29 26.67 21.22
C PHE H 40 -11.38 26.66 19.71
N VAL H 41 -12.56 27.02 19.20
CA VAL H 41 -12.81 27.02 17.76
C VAL H 41 -11.83 27.96 17.07
N ASN H 42 -11.63 29.14 17.65
CA ASN H 42 -10.69 30.11 17.10
C ASN H 42 -9.25 29.58 17.10
N ASP H 43 -8.85 28.96 18.21
CA ASP H 43 -7.51 28.38 18.31
C ASP H 43 -7.28 27.30 17.27
N ILE H 44 -8.25 26.41 17.12
CA ILE H 44 -8.10 25.33 16.15
C ILE H 44 -8.10 25.92 14.74
N PHE H 45 -8.93 26.93 14.50
CA PHE H 45 -8.98 27.60 13.21
C PHE H 45 -7.59 28.10 12.82
N GLU H 46 -6.99 28.83 13.76
CA GLU H 46 -5.71 29.48 13.50
C GLU H 46 -4.61 28.46 13.26
N ARG H 47 -4.55 27.44 14.10
CA ARG H 47 -3.51 26.43 13.95
C ARG H 47 -3.61 25.71 12.60
N ILE H 48 -4.83 25.42 12.16
CA ILE H 48 -5.03 24.71 10.91
C ILE H 48 -4.73 25.63 9.73
N ALA H 49 -5.27 26.85 9.78
CA ALA H 49 -5.05 27.82 8.73
C ALA H 49 -3.56 28.13 8.58
N THR H 50 -2.87 28.26 9.71
CA THR H 50 -1.45 28.58 9.70
C THR H 50 -0.64 27.42 9.11
N GLU H 51 -1.01 26.20 9.48
CA GLU H 51 -0.32 25.05 8.94
C GLU H 51 -0.60 24.95 7.44
N ALA H 52 -1.85 25.19 7.07
CA ALA H 52 -2.24 25.13 5.66
C ALA H 52 -1.47 26.17 4.86
N SER H 53 -1.30 27.36 5.42
CA SER H 53 -0.52 28.43 4.79
C SER H 53 0.92 27.97 4.54
N LYS H 54 1.52 27.36 5.54
CA LYS H 54 2.89 26.90 5.43
C LYS H 54 3.03 25.80 4.38
N LEU H 55 2.05 24.91 4.31
CA LEU H 55 2.05 23.84 3.31
C LEU H 55 1.97 24.39 1.90
N ALA H 56 1.05 25.34 1.70
CA ALA H 56 0.87 25.97 0.41
C ALA H 56 2.18 26.63 -0.03
N ALA H 57 2.79 27.39 0.88
CA ALA H 57 4.03 28.10 0.58
C ALA H 57 5.14 27.12 0.26
N TYR H 58 5.29 26.10 1.10
CA TYR H 58 6.30 25.08 0.92
C TYR H 58 6.20 24.41 -0.46
N ASN H 59 4.97 24.20 -0.92
CA ASN H 59 4.75 23.56 -2.21
C ASN H 59 4.59 24.57 -3.34
N LYS H 60 5.03 25.81 -3.08
CA LYS H 60 5.02 26.87 -4.08
C LYS H 60 3.64 27.09 -4.69
N LYS H 61 2.61 27.09 -3.85
CA LYS H 61 1.25 27.31 -4.32
C LYS H 61 0.68 28.61 -3.75
N SER H 62 0.01 29.37 -4.61
CA SER H 62 -0.56 30.65 -4.21
C SER H 62 -2.00 30.49 -3.72
N THR H 63 -2.50 29.27 -3.77
CA THR H 63 -3.87 28.99 -3.33
C THR H 63 -3.90 27.97 -2.19
N ILE H 64 -4.63 28.30 -1.13
CA ILE H 64 -4.99 27.30 -0.12
C ILE H 64 -6.29 26.64 -0.56
N SER H 65 -6.20 25.34 -0.86
CA SER H 65 -7.34 24.56 -1.30
C SER H 65 -7.76 23.60 -0.20
N ALA H 66 -8.80 22.81 -0.44
CA ALA H 66 -9.21 21.80 0.53
C ALA H 66 -8.08 20.81 0.78
N ARG H 67 -7.18 20.67 -0.19
CA ARG H 67 -6.12 19.67 -0.07
C ARG H 67 -5.12 20.06 1.01
N GLU H 68 -4.82 21.35 1.08
CA GLU H 68 -3.94 21.86 2.14
C GLU H 68 -4.65 21.80 3.49
N ILE H 69 -5.95 22.08 3.49
CA ILE H 69 -6.71 21.98 4.72
C ILE H 69 -6.66 20.53 5.26
N GLN H 70 -6.93 19.55 4.41
CA GLN H 70 -6.89 18.16 4.83
C GLN H 70 -5.54 17.76 5.42
N THR H 71 -4.47 18.09 4.71
CA THR H 71 -3.15 17.70 5.19
C THR H 71 -2.81 18.44 6.49
N ALA H 72 -3.19 19.71 6.58
CA ALA H 72 -2.98 20.44 7.84
C ALA H 72 -3.74 19.80 8.99
N VAL H 73 -4.99 19.44 8.75
CA VAL H 73 -5.80 18.71 9.73
C VAL H 73 -5.08 17.45 10.20
N ARG H 74 -4.56 16.67 9.27
CA ARG H 74 -3.87 15.43 9.62
C ARG H 74 -2.58 15.72 10.39
N LEU H 75 -1.99 16.88 10.17
CA LEU H 75 -0.78 17.25 10.90
C LEU H 75 -1.07 17.73 12.32
N ILE H 76 -2.24 18.33 12.51
CA ILE H 76 -2.57 18.99 13.78
C ILE H 76 -3.40 18.12 14.72
N LEU H 77 -4.36 17.37 14.19
CA LEU H 77 -5.24 16.58 15.05
C LEU H 77 -4.63 15.21 15.34
N PRO H 78 -4.83 14.70 16.56
CA PRO H 78 -4.32 13.36 16.86
C PRO H 78 -5.32 12.26 16.52
N GLY H 79 -4.80 11.06 16.21
CA GLY H 79 -5.58 9.83 16.14
C GLY H 79 -6.95 9.83 15.47
N GLU H 80 -7.95 9.37 16.21
CA GLU H 80 -9.30 9.21 15.68
C GLU H 80 -9.97 10.55 15.43
N LEU H 81 -9.60 11.58 16.18
CA LEU H 81 -10.08 12.92 15.88
C LEU H 81 -9.72 13.30 14.45
N ALA H 82 -8.47 13.06 14.07
CA ALA H 82 -8.03 13.45 12.73
C ALA H 82 -8.79 12.65 11.66
N LYS H 83 -8.97 11.36 11.89
CA LYS H 83 -9.67 10.49 10.93
C LYS H 83 -11.11 10.92 10.75
N HIS H 84 -11.80 11.20 11.86
CA HIS H 84 -13.19 11.64 11.78
C HIS H 84 -13.31 13.04 11.17
N ALA H 85 -12.37 13.93 11.49
CA ALA H 85 -12.41 15.27 10.94
C ALA H 85 -12.19 15.25 9.43
N VAL H 86 -11.21 14.45 9.01
CA VAL H 86 -10.94 14.29 7.59
C VAL H 86 -12.19 13.75 6.90
N SER H 87 -12.84 12.78 7.55
CA SER H 87 -14.04 12.19 7.00
C SER H 87 -15.14 13.26 6.83
N GLU H 88 -15.29 14.13 7.82
CA GLU H 88 -16.32 15.17 7.75
C GLU H 88 -16.00 16.25 6.71
N GLY H 89 -14.75 16.66 6.63
CA GLY H 89 -14.31 17.66 5.67
C GLY H 89 -14.50 17.19 4.24
N THR H 90 -14.15 15.93 4.00
CA THR H 90 -14.22 15.35 2.67
C THR H 90 -15.68 15.21 2.24
N ARG H 91 -16.51 14.74 3.16
CA ARG H 91 -17.93 14.57 2.90
C ARG H 91 -18.62 15.91 2.62
N ALA H 92 -18.29 16.93 3.40
CA ALA H 92 -18.88 18.25 3.22
C ALA H 92 -18.50 18.84 1.86
N VAL H 93 -17.23 18.74 1.50
CA VAL H 93 -16.76 19.25 0.21
C VAL H 93 -17.41 18.48 -0.94
N THR H 94 -17.58 17.18 -0.77
CA THR H 94 -18.24 16.35 -1.78
C THR H 94 -19.70 16.80 -1.93
N LYS H 95 -20.37 16.99 -0.80
CA LYS H 95 -21.77 17.39 -0.78
C LYS H 95 -21.94 18.79 -1.37
N TYR H 96 -21.04 19.70 -0.98
CA TYR H 96 -21.04 21.07 -1.49
C TYR H 96 -20.80 21.11 -2.99
N SER H 97 -20.23 20.05 -3.54
CA SER H 97 -19.93 19.97 -4.96
C SER H 97 -21.00 19.25 -5.77
N SER H 98 -22.18 19.06 -5.18
CA SER H 98 -23.29 18.40 -5.86
C SER H 98 -23.68 19.13 -7.14
N GLU I 15 18.22 -47.90 -17.60
CA GLU I 15 18.79 -46.57 -17.49
C GLU I 15 19.45 -46.17 -18.80
N GLU I 16 19.28 -44.91 -19.22
CA GLU I 16 20.00 -44.38 -20.37
C GLU I 16 21.49 -44.57 -20.25
N VAL I 17 22.12 -45.11 -21.28
CA VAL I 17 23.57 -45.16 -21.33
C VAL I 17 24.11 -43.77 -21.72
N SER I 18 23.36 -43.07 -22.57
CA SER I 18 23.88 -41.87 -23.23
C SER I 18 23.68 -40.55 -22.49
N GLU I 19 24.71 -39.70 -22.55
CA GLU I 19 24.54 -38.41 -21.92
C GLU I 19 24.65 -37.32 -22.96
N TYR I 20 24.18 -36.15 -22.57
CA TYR I 20 24.32 -34.97 -23.38
C TYR I 20 25.80 -34.56 -23.45
P PO4 J . -32.61 -17.22 10.49
O1 PO4 J . -31.47 -16.32 10.08
O2 PO4 J . -32.48 -17.55 11.96
O3 PO4 J . -33.93 -16.49 10.28
O4 PO4 J . -32.58 -18.47 9.66
P PO4 K . 31.18 -6.96 21.66
O1 PO4 K . 31.94 -5.67 21.45
O2 PO4 K . 31.02 -7.22 23.13
O3 PO4 K . 29.82 -6.85 21.01
O4 PO4 K . 31.95 -8.09 21.01
#